data_2MFL
#
_entry.id   2MFL
#
_entity_poly.entity_id   1
_entity_poly.type   'polypeptide(L)'
_entity_poly.pdbx_seq_one_letter_code
;GSHMTESFAQLFEESLKEIETRPGSIVRGVVVAIDKDVVLVDAGLKSESAIPAEQFKNAQGELEIQVGDEVDVALDAVED
GFGETLLSREKAKRHEAWITLEKAYEDAETVTGVINGKVKGGFTVELNGIRAFLPGSLVDVRPVRDTLHLEGKELEFKVI
KLDQKRNNVVVSRRAVIESENS
;
_entity_poly.pdbx_strand_id   A
#
# COMPACT_ATOMS: atom_id res chain seq x y z
N GLU A 90 -10.69 4.58 19.61
CA GLU A 90 -9.26 4.32 19.74
C GLU A 90 -8.58 4.34 18.38
N LYS A 91 -8.69 5.47 17.68
CA LYS A 91 -8.10 5.62 16.37
C LYS A 91 -6.66 6.15 16.48
N ALA A 92 -6.50 7.19 17.29
CA ALA A 92 -5.18 7.80 17.48
C ALA A 92 -4.28 6.89 18.29
N LYS A 93 -4.88 6.09 19.18
CA LYS A 93 -4.12 5.17 20.02
C LYS A 93 -3.31 4.19 19.16
N ARG A 94 -3.77 3.95 17.94
CA ARG A 94 -3.09 3.05 17.02
C ARG A 94 -1.73 3.61 16.63
N HIS A 95 -1.59 4.92 16.69
CA HIS A 95 -0.34 5.59 16.33
C HIS A 95 0.84 4.97 17.09
N GLU A 96 0.66 4.80 18.41
CA GLU A 96 1.71 4.22 19.24
C GLU A 96 1.72 2.70 19.13
N ALA A 97 0.56 2.13 18.80
CA ALA A 97 0.43 0.69 18.66
C ALA A 97 1.14 0.20 17.41
N TRP A 98 1.36 1.11 16.47
CA TRP A 98 2.04 0.75 15.21
C TRP A 98 3.42 0.18 15.48
N ILE A 99 3.97 0.50 16.65
CA ILE A 99 5.29 0.01 17.02
C ILE A 99 5.36 -1.50 16.93
N THR A 100 4.22 -2.15 17.09
CA THR A 100 4.15 -3.60 17.04
C THR A 100 4.18 -4.10 15.60
N LEU A 101 3.71 -3.27 14.68
CA LEU A 101 3.69 -3.62 13.26
C LEU A 101 5.10 -3.79 12.72
N GLU A 102 6.05 -3.09 13.34
CA GLU A 102 7.45 -3.16 12.92
C GLU A 102 7.91 -4.61 12.84
N LYS A 103 7.66 -5.37 13.89
CA LYS A 103 8.06 -6.77 13.94
C LYS A 103 7.33 -7.58 12.88
N ALA A 104 6.17 -7.09 12.47
CA ALA A 104 5.37 -7.77 11.45
C ALA A 104 6.02 -7.64 10.08
N TYR A 105 6.27 -6.41 9.66
CA TYR A 105 6.89 -6.15 8.36
C TYR A 105 8.23 -6.85 8.24
N GLU A 106 8.87 -7.10 9.38
CA GLU A 106 10.16 -7.77 9.41
C GLU A 106 10.10 -9.08 8.64
N ASP A 107 9.01 -9.81 8.80
CA ASP A 107 8.83 -11.09 8.12
C ASP A 107 7.97 -10.93 6.87
N ALA A 108 7.89 -9.69 6.37
CA ALA A 108 7.11 -9.40 5.18
C ALA A 108 5.63 -9.71 5.41
N GLU A 109 5.05 -9.11 6.43
CA GLU A 109 3.65 -9.32 6.76
C GLU A 109 2.75 -8.80 5.63
N THR A 110 1.66 -9.52 5.39
CA THR A 110 0.71 -9.14 4.34
C THR A 110 -0.33 -8.15 4.87
N VAL A 111 -0.72 -7.21 4.02
CA VAL A 111 -1.71 -6.20 4.41
C VAL A 111 -2.91 -6.24 3.47
N THR A 112 -3.87 -5.35 3.72
CA THR A 112 -5.07 -5.27 2.91
C THR A 112 -5.76 -3.93 3.07
N GLY A 113 -5.89 -3.19 1.96
CA GLY A 113 -6.53 -1.89 2.00
C GLY A 113 -7.00 -1.43 0.63
N VAL A 114 -7.74 -0.33 0.61
CA VAL A 114 -8.26 0.21 -0.65
C VAL A 114 -7.66 1.58 -0.95
N ILE A 115 -7.44 1.87 -2.22
CA ILE A 115 -6.88 3.15 -2.64
C ILE A 115 -7.85 4.29 -2.35
N ASN A 116 -7.43 5.21 -1.49
CA ASN A 116 -8.26 6.36 -1.13
C ASN A 116 -7.87 7.59 -1.94
N GLY A 117 -6.57 7.82 -2.09
CA GLY A 117 -6.09 8.95 -2.84
C GLY A 117 -5.19 8.55 -4.00
N LYS A 118 -5.24 9.33 -5.07
CA LYS A 118 -4.42 9.04 -6.25
C LYS A 118 -3.55 10.24 -6.61
N VAL A 119 -2.24 10.01 -6.72
CA VAL A 119 -1.31 11.07 -7.05
C VAL A 119 -0.66 10.82 -8.41
N LYS A 120 0.17 11.76 -8.85
CA LYS A 120 0.86 11.64 -10.13
C LYS A 120 1.79 10.42 -10.14
N GLY A 121 1.28 9.30 -10.65
CA GLY A 121 2.08 8.09 -10.69
C GLY A 121 1.93 7.24 -9.45
N GLY A 122 1.78 7.90 -8.30
CA GLY A 122 1.64 7.18 -7.05
C GLY A 122 0.19 6.89 -6.71
N PHE A 123 -0.03 6.12 -5.66
CA PHE A 123 -1.38 5.78 -5.23
C PHE A 123 -1.42 5.51 -3.72
N THR A 124 -2.22 6.32 -3.01
CA THR A 124 -2.35 6.18 -1.57
C THR A 124 -3.40 5.13 -1.21
N VAL A 125 -3.07 4.28 -0.25
CA VAL A 125 -3.99 3.23 0.19
C VAL A 125 -4.04 3.15 1.72
N GLU A 126 -5.24 2.98 2.25
CA GLU A 126 -5.42 2.88 3.70
C GLU A 126 -5.30 1.44 4.17
N LEU A 127 -4.25 1.16 4.94
CA LEU A 127 -4.01 -0.18 5.45
C LEU A 127 -3.98 -0.18 6.97
N ASN A 128 -5.11 -0.51 7.59
CA ASN A 128 -5.20 -0.55 9.04
C ASN A 128 -4.98 0.83 9.64
N GLY A 129 -5.25 1.87 8.85
CA GLY A 129 -5.07 3.23 9.32
C GLY A 129 -3.82 3.88 8.75
N ILE A 130 -2.86 3.05 8.34
CA ILE A 130 -1.62 3.55 7.78
C ILE A 130 -1.78 3.88 6.29
N ARG A 131 -0.98 4.83 5.81
CA ARG A 131 -1.04 5.24 4.41
C ARG A 131 0.08 4.58 3.61
N ALA A 132 -0.29 3.87 2.55
CA ALA A 132 0.68 3.20 1.70
C ALA A 132 0.94 3.99 0.43
N PHE A 133 1.94 3.57 -0.34
CA PHE A 133 2.29 4.23 -1.59
C PHE A 133 2.70 3.22 -2.66
N LEU A 134 1.94 3.19 -3.75
CA LEU A 134 2.22 2.27 -4.84
C LEU A 134 2.95 2.99 -5.98
N PRO A 135 4.06 2.40 -6.44
CA PRO A 135 4.87 2.96 -7.53
C PRO A 135 4.16 2.87 -8.87
N GLY A 136 4.16 3.98 -9.60
CA GLY A 136 3.51 4.01 -10.91
C GLY A 136 4.32 3.29 -11.97
N SER A 137 5.56 2.95 -11.63
CA SER A 137 6.42 2.24 -12.57
C SER A 137 5.73 1.03 -13.17
N LEU A 138 4.88 0.39 -12.36
CA LEU A 138 4.15 -0.80 -12.81
C LEU A 138 2.65 -0.59 -12.64
N VAL A 139 2.18 0.61 -12.95
CA VAL A 139 0.77 0.95 -12.83
C VAL A 139 0.22 1.43 -14.17
N ASP A 140 0.78 2.52 -14.68
CA ASP A 140 0.35 3.09 -15.95
C ASP A 140 1.47 3.01 -16.98
N VAL A 141 1.22 2.28 -18.07
CA VAL A 141 2.19 2.13 -19.13
C VAL A 141 1.60 1.37 -20.31
N ARG A 142 1.65 1.98 -21.49
CA ARG A 142 1.12 1.37 -22.70
C ARG A 142 -0.32 0.92 -22.49
N PRO A 143 -1.24 1.89 -22.44
CA PRO A 143 -2.66 1.62 -22.24
C PRO A 143 -3.31 0.95 -23.46
N VAL A 144 -4.07 -0.11 -23.22
CA VAL A 144 -4.74 -0.83 -24.30
C VAL A 144 -6.23 -0.94 -24.04
N ARG A 145 -6.59 -1.15 -22.77
CA ARG A 145 -8.00 -1.27 -22.39
C ARG A 145 -8.34 -0.30 -21.27
N ASP A 146 -9.59 -0.37 -20.80
CA ASP A 146 -10.04 0.50 -19.72
C ASP A 146 -9.10 0.44 -18.54
N THR A 147 -8.73 1.62 -18.02
CA THR A 147 -7.82 1.70 -16.89
C THR A 147 -8.45 2.48 -15.74
N LEU A 148 -9.73 2.20 -15.48
CA LEU A 148 -10.45 2.88 -14.40
C LEU A 148 -10.23 2.17 -13.07
N HIS A 149 -9.66 0.97 -13.14
CA HIS A 149 -9.39 0.19 -11.93
C HIS A 149 -8.23 0.79 -11.13
N LEU A 150 -7.57 1.77 -11.72
CA LEU A 150 -6.45 2.44 -11.06
C LEU A 150 -6.87 3.07 -9.75
N GLU A 151 -8.14 3.50 -9.68
CA GLU A 151 -8.66 4.12 -8.48
C GLU A 151 -9.91 3.38 -8.00
N GLY A 152 -9.98 3.14 -6.69
CA GLY A 152 -11.11 2.44 -6.13
C GLY A 152 -10.90 0.94 -6.04
N LYS A 153 -9.73 0.49 -6.47
CA LYS A 153 -9.39 -0.92 -6.43
C LYS A 153 -9.24 -1.42 -5.00
N GLU A 154 -9.94 -2.50 -4.67
CA GLU A 154 -9.89 -3.07 -3.33
C GLU A 154 -9.16 -4.40 -3.33
N LEU A 155 -7.83 -4.35 -3.20
CA LEU A 155 -7.02 -5.55 -3.19
C LEU A 155 -5.91 -5.46 -2.13
N GLU A 156 -5.29 -6.59 -1.84
CA GLU A 156 -4.22 -6.63 -0.85
C GLU A 156 -2.89 -6.19 -1.46
N PHE A 157 -1.87 -6.06 -0.62
CA PHE A 157 -0.55 -5.64 -1.08
C PHE A 157 0.53 -6.54 -0.49
N LYS A 158 1.78 -6.24 -0.83
CA LYS A 158 2.91 -7.02 -0.33
C LYS A 158 4.00 -6.11 0.23
N VAL A 159 4.15 -6.12 1.55
CA VAL A 159 5.15 -5.30 2.21
C VAL A 159 6.55 -5.81 1.93
N ILE A 160 7.42 -4.93 1.45
CA ILE A 160 8.80 -5.28 1.14
C ILE A 160 9.78 -4.48 1.98
N LYS A 161 9.39 -3.26 2.32
CA LYS A 161 10.23 -2.37 3.12
C LYS A 161 9.47 -1.12 3.54
N LEU A 162 9.57 -0.77 4.82
CA LEU A 162 8.89 0.42 5.34
C LEU A 162 9.89 1.52 5.67
N ASP A 163 9.47 2.76 5.53
CA ASP A 163 10.33 3.90 5.81
C ASP A 163 9.84 4.66 7.05
N GLN A 164 10.32 4.24 8.21
CA GLN A 164 9.92 4.88 9.46
C GLN A 164 10.46 6.31 9.55
N LYS A 165 11.52 6.57 8.80
CA LYS A 165 12.13 7.91 8.78
C LYS A 165 11.08 8.98 8.51
N ARG A 166 10.19 8.71 7.56
CA ARG A 166 9.14 9.65 7.20
C ARG A 166 7.82 9.26 7.86
N ASN A 167 7.91 8.54 8.96
CA ASN A 167 6.72 8.09 9.69
C ASN A 167 5.64 7.63 8.72
N ASN A 168 6.05 6.95 7.66
CA ASN A 168 5.12 6.46 6.66
C ASN A 168 5.56 5.09 6.13
N VAL A 169 4.68 4.44 5.39
CA VAL A 169 4.97 3.13 4.82
C VAL A 169 4.69 3.10 3.32
N VAL A 170 5.51 2.37 2.57
CA VAL A 170 5.34 2.25 1.13
C VAL A 170 5.04 0.81 0.73
N VAL A 171 4.70 0.61 -0.54
CA VAL A 171 4.39 -0.71 -1.05
C VAL A 171 5.35 -1.11 -2.18
N SER A 172 5.56 -2.41 -2.33
CA SER A 172 6.46 -2.92 -3.37
C SER A 172 5.87 -2.72 -4.75
N ARG A 173 6.72 -2.64 -5.76
CA ARG A 173 6.29 -2.45 -7.13
C ARG A 173 5.89 -3.77 -7.77
N ARG A 174 6.81 -4.73 -7.73
CA ARG A 174 6.55 -6.05 -8.32
C ARG A 174 5.32 -6.69 -7.68
N ALA A 175 5.03 -6.31 -6.45
CA ALA A 175 3.89 -6.84 -5.73
C ALA A 175 2.58 -6.54 -6.46
N VAL A 176 2.63 -5.55 -7.35
CA VAL A 176 1.47 -5.15 -8.12
C VAL A 176 0.84 -6.35 -8.82
N ILE A 177 1.67 -7.34 -9.15
CA ILE A 177 1.21 -8.54 -9.83
C ILE A 177 0.01 -9.15 -9.10
N GLU A 178 -0.03 -8.97 -7.78
CA GLU A 178 -1.11 -9.51 -6.98
C GLU A 178 -2.26 -8.52 -6.89
N SER A 179 -1.94 -7.26 -6.62
CA SER A 179 -2.96 -6.21 -6.51
C SER A 179 -3.79 -6.14 -7.79
N GLU A 180 -3.13 -6.26 -8.93
CA GLU A 180 -3.81 -6.21 -10.22
C GLU A 180 -4.99 -7.17 -10.25
N ASN A 181 -4.75 -8.41 -9.85
CA ASN A 181 -5.78 -9.43 -9.84
C ASN A 181 -5.25 -10.74 -9.26
N SER A 182 -5.31 -10.87 -7.95
CA SER A 182 -4.83 -12.07 -7.27
C SER A 182 -5.44 -13.32 -7.90
N GLU A 90 -11.65 6.10 15.12
CA GLU A 90 -10.55 5.56 15.89
C GLU A 90 -9.42 5.09 14.97
N LYS A 91 -8.92 6.00 14.15
CA LYS A 91 -7.84 5.70 13.22
C LYS A 91 -6.52 6.28 13.71
N ALA A 92 -6.58 7.44 14.35
CA ALA A 92 -5.40 8.09 14.87
C ALA A 92 -4.78 7.30 16.01
N LYS A 93 -5.63 6.67 16.81
CA LYS A 93 -5.16 5.87 17.94
C LYS A 93 -4.24 4.75 17.48
N ARG A 94 -4.42 4.31 16.24
CA ARG A 94 -3.61 3.24 15.67
C ARG A 94 -2.13 3.65 15.63
N HIS A 95 -1.89 4.96 15.57
CA HIS A 95 -0.53 5.47 15.54
C HIS A 95 0.30 4.90 16.68
N GLU A 96 -0.36 4.60 17.80
CA GLU A 96 0.31 4.04 18.96
C GLU A 96 0.56 2.55 18.79
N ALA A 97 -0.37 1.88 18.12
CA ALA A 97 -0.26 0.44 17.89
C ALA A 97 0.81 0.14 16.85
N TRP A 98 1.21 1.16 16.10
CA TRP A 98 2.22 1.01 15.06
C TRP A 98 3.52 0.47 15.65
N ILE A 99 3.71 0.67 16.95
CA ILE A 99 4.91 0.20 17.63
C ILE A 99 5.11 -1.29 17.42
N THR A 100 4.02 -2.01 17.16
CA THR A 100 4.07 -3.44 16.94
C THR A 100 4.38 -3.76 15.49
N LEU A 101 4.07 -2.83 14.59
CA LEU A 101 4.32 -3.00 13.17
C LEU A 101 5.82 -3.04 12.87
N GLU A 102 6.54 -2.05 13.41
CA GLU A 102 7.98 -1.97 13.21
C GLU A 102 8.66 -3.29 13.56
N LYS A 103 8.24 -3.88 14.67
CA LYS A 103 8.81 -5.15 15.12
C LYS A 103 8.19 -6.32 14.36
N ALA A 104 6.99 -6.12 13.84
CA ALA A 104 6.29 -7.15 13.08
C ALA A 104 6.88 -7.29 11.69
N TYR A 105 7.46 -6.21 11.18
CA TYR A 105 8.05 -6.21 9.85
C TYR A 105 9.10 -7.32 9.72
N GLU A 106 9.67 -7.72 10.84
CA GLU A 106 10.69 -8.76 10.86
C GLU A 106 10.17 -10.03 10.19
N ASP A 107 8.86 -10.21 10.22
CA ASP A 107 8.23 -11.38 9.61
C ASP A 107 7.82 -11.09 8.17
N ALA A 108 7.64 -9.81 7.86
CA ALA A 108 7.25 -9.41 6.51
C ALA A 108 5.86 -9.93 6.16
N GLU A 109 4.94 -9.80 7.10
CA GLU A 109 3.57 -10.26 6.89
C GLU A 109 2.91 -9.50 5.74
N THR A 110 1.65 -9.85 5.46
CA THR A 110 0.91 -9.21 4.39
C THR A 110 -0.14 -8.26 4.94
N VAL A 111 -0.86 -7.59 4.04
CA VAL A 111 -1.91 -6.65 4.43
C VAL A 111 -2.99 -6.55 3.37
N THR A 112 -3.98 -5.69 3.61
CA THR A 112 -5.08 -5.50 2.68
C THR A 112 -5.69 -4.12 2.83
N GLY A 113 -5.72 -3.36 1.74
CA GLY A 113 -6.28 -2.03 1.77
C GLY A 113 -6.70 -1.54 0.40
N VAL A 114 -7.66 -0.61 0.36
CA VAL A 114 -8.14 -0.07 -0.89
C VAL A 114 -7.61 1.35 -1.12
N ILE A 115 -7.20 1.62 -2.36
CA ILE A 115 -6.68 2.94 -2.70
C ILE A 115 -7.69 4.03 -2.41
N ASN A 116 -7.38 4.87 -1.43
CA ASN A 116 -8.27 5.97 -1.05
C ASN A 116 -7.87 7.26 -1.74
N GLY A 117 -6.56 7.40 -2.01
CA GLY A 117 -6.07 8.60 -2.67
C GLY A 117 -5.11 8.28 -3.80
N LYS A 118 -5.16 9.07 -4.86
CA LYS A 118 -4.28 8.87 -6.01
C LYS A 118 -3.48 10.14 -6.31
N VAL A 119 -2.20 9.95 -6.60
CA VAL A 119 -1.32 11.08 -6.90
C VAL A 119 -0.75 10.96 -8.32
N LYS A 120 0.00 11.98 -8.72
CA LYS A 120 0.61 11.99 -10.06
C LYS A 120 1.65 10.88 -10.19
N GLY A 121 1.25 9.77 -10.78
CA GLY A 121 2.16 8.65 -10.96
C GLY A 121 2.10 7.66 -9.82
N GLY A 122 1.89 8.17 -8.60
CA GLY A 122 1.80 7.31 -7.44
C GLY A 122 0.38 6.98 -7.05
N PHE A 123 0.22 6.09 -6.07
CA PHE A 123 -1.11 5.70 -5.60
C PHE A 123 -1.08 5.41 -4.11
N THR A 124 -1.86 6.17 -3.35
CA THR A 124 -1.94 5.99 -1.91
C THR A 124 -2.97 4.93 -1.54
N VAL A 125 -2.73 4.24 -0.43
CA VAL A 125 -3.63 3.20 0.04
C VAL A 125 -3.77 3.22 1.55
N GLU A 126 -4.98 2.96 2.04
CA GLU A 126 -5.24 2.95 3.48
C GLU A 126 -5.25 1.53 4.02
N LEU A 127 -4.14 1.12 4.63
CA LEU A 127 -4.02 -0.22 5.19
C LEU A 127 -4.17 -0.19 6.71
N ASN A 128 -5.42 -0.32 7.16
CA ASN A 128 -5.70 -0.31 8.59
C ASN A 128 -5.10 0.91 9.26
N GLY A 129 -5.17 2.05 8.58
CA GLY A 129 -4.62 3.28 9.12
C GLY A 129 -3.29 3.66 8.49
N ILE A 130 -2.56 2.65 8.01
CA ILE A 130 -1.27 2.88 7.38
C ILE A 130 -1.43 3.49 5.99
N ARG A 131 -0.45 4.27 5.57
CA ARG A 131 -0.49 4.90 4.26
C ARG A 131 0.56 4.31 3.33
N ALA A 132 0.12 3.59 2.31
CA ALA A 132 1.02 2.97 1.35
C ALA A 132 1.27 3.88 0.16
N PHE A 133 2.22 3.48 -0.69
CA PHE A 133 2.55 4.26 -1.88
C PHE A 133 2.95 3.35 -3.03
N LEU A 134 2.07 3.26 -4.03
CA LEU A 134 2.32 2.42 -5.20
C LEU A 134 2.98 3.23 -6.31
N PRO A 135 4.08 2.70 -6.85
CA PRO A 135 4.83 3.34 -7.93
C PRO A 135 4.06 3.34 -9.25
N GLY A 136 4.38 4.30 -10.11
CA GLY A 136 3.71 4.38 -11.40
C GLY A 136 4.05 3.21 -12.31
N SER A 137 5.06 2.43 -11.91
CA SER A 137 5.49 1.28 -12.70
C SER A 137 4.56 0.10 -12.47
N LEU A 138 3.84 0.12 -11.35
CA LEU A 138 2.92 -0.96 -11.01
C LEU A 138 1.50 -0.43 -10.85
N VAL A 139 1.12 0.50 -11.74
CA VAL A 139 -0.21 1.08 -11.71
C VAL A 139 -1.28 0.02 -11.95
N ASP A 140 -1.24 -0.59 -13.14
CA ASP A 140 -2.20 -1.62 -13.49
C ASP A 140 -1.84 -2.25 -14.84
N VAL A 141 -2.12 -3.55 -14.96
CA VAL A 141 -1.83 -4.27 -16.19
C VAL A 141 -2.96 -4.13 -17.21
N ARG A 142 -2.62 -4.21 -18.49
CA ARG A 142 -3.61 -4.09 -19.55
C ARG A 142 -4.42 -2.80 -19.39
N PRO A 143 -3.79 -1.67 -19.69
CA PRO A 143 -4.44 -0.35 -19.60
C PRO A 143 -5.51 -0.15 -20.66
N VAL A 144 -6.63 0.45 -20.25
CA VAL A 144 -7.74 0.70 -21.17
C VAL A 144 -8.05 2.19 -21.26
N ARG A 145 -8.57 2.61 -22.41
CA ARG A 145 -8.91 4.00 -22.62
C ARG A 145 -9.79 4.54 -21.49
N ASP A 146 -10.57 3.66 -20.89
CA ASP A 146 -11.46 4.04 -19.79
C ASP A 146 -10.70 4.05 -18.47
N THR A 147 -10.81 5.15 -17.74
CA THR A 147 -10.14 5.29 -16.46
C THR A 147 -11.13 5.23 -15.30
N LEU A 148 -12.14 4.37 -15.44
CA LEU A 148 -13.16 4.22 -14.40
C LEU A 148 -12.73 3.19 -13.37
N HIS A 149 -11.81 2.31 -13.76
CA HIS A 149 -11.31 1.27 -12.86
C HIS A 149 -10.01 1.72 -12.20
N LEU A 150 -9.75 3.02 -12.22
CA LEU A 150 -8.53 3.56 -11.62
C LEU A 150 -8.86 4.38 -10.38
N GLU A 151 -9.81 3.89 -9.59
CA GLU A 151 -10.21 4.57 -8.36
C GLU A 151 -11.08 3.66 -7.49
N GLY A 152 -10.65 3.46 -6.25
CA GLY A 152 -11.40 2.62 -5.35
C GLY A 152 -11.09 1.14 -5.52
N LYS A 153 -9.99 0.85 -6.22
CA LYS A 153 -9.58 -0.52 -6.47
C LYS A 153 -9.06 -1.17 -5.19
N GLU A 154 -9.45 -2.43 -4.98
CA GLU A 154 -9.03 -3.17 -3.79
C GLU A 154 -7.95 -4.19 -4.14
N LEU A 155 -6.77 -4.03 -3.55
CA LEU A 155 -5.66 -4.93 -3.80
C LEU A 155 -4.91 -5.24 -2.51
N GLU A 156 -4.38 -6.47 -2.42
CA GLU A 156 -3.64 -6.88 -1.23
C GLU A 156 -2.15 -6.58 -1.39
N PHE A 157 -1.57 -5.93 -0.38
CA PHE A 157 -0.16 -5.59 -0.41
C PHE A 157 0.61 -6.33 0.68
N LYS A 158 1.91 -6.08 0.76
CA LYS A 158 2.75 -6.72 1.76
C LYS A 158 3.88 -5.80 2.19
N VAL A 159 4.13 -5.73 3.50
CA VAL A 159 5.19 -4.89 4.03
C VAL A 159 6.55 -5.27 3.45
N ILE A 160 7.11 -4.37 2.64
CA ILE A 160 8.41 -4.61 2.03
C ILE A 160 9.45 -3.63 2.54
N LYS A 161 9.00 -2.47 2.98
CA LYS A 161 9.89 -1.44 3.50
C LYS A 161 9.11 -0.32 4.18
N LEU A 162 9.30 -0.17 5.48
CA LEU A 162 8.62 0.86 6.24
C LEU A 162 9.46 1.33 7.42
N ASP A 163 9.58 2.64 7.59
CA ASP A 163 10.35 3.21 8.68
C ASP A 163 9.47 4.02 9.62
N GLN A 164 9.25 3.50 10.82
CA GLN A 164 8.42 4.18 11.81
C GLN A 164 9.05 5.51 12.23
N LYS A 165 10.37 5.56 12.21
CA LYS A 165 11.09 6.77 12.59
C LYS A 165 10.91 7.87 11.54
N ARG A 166 10.72 7.47 10.29
CA ARG A 166 10.52 8.41 9.20
C ARG A 166 9.04 8.71 8.99
N ASN A 167 8.19 7.86 9.57
CA ASN A 167 6.75 8.02 9.44
C ASN A 167 6.32 7.96 7.97
N ASN A 168 6.89 7.00 7.23
CA ASN A 168 6.57 6.83 5.83
C ASN A 168 6.54 5.35 5.45
N VAL A 169 5.59 4.97 4.61
CA VAL A 169 5.46 3.60 4.17
C VAL A 169 5.17 3.52 2.67
N VAL A 170 5.77 2.54 2.00
CA VAL A 170 5.58 2.35 0.58
C VAL A 170 5.34 0.88 0.24
N VAL A 171 4.96 0.62 -1.02
CA VAL A 171 4.70 -0.74 -1.46
C VAL A 171 5.62 -1.12 -2.62
N SER A 172 5.94 -2.41 -2.70
CA SER A 172 6.82 -2.90 -3.76
C SER A 172 6.02 -3.25 -5.01
N ARG A 173 6.71 -3.33 -6.15
CA ARG A 173 6.06 -3.65 -7.41
C ARG A 173 6.14 -5.15 -7.71
N ARG A 174 7.24 -5.76 -7.28
CA ARG A 174 7.44 -7.19 -7.49
C ARG A 174 6.60 -8.02 -6.51
N ALA A 175 6.28 -7.41 -5.37
CA ALA A 175 5.49 -8.08 -4.35
C ALA A 175 4.04 -8.23 -4.79
N VAL A 176 3.69 -7.57 -5.89
CA VAL A 176 2.33 -7.62 -6.42
C VAL A 176 1.85 -9.07 -6.57
N ILE A 177 2.80 -9.97 -6.82
CA ILE A 177 2.48 -11.38 -6.98
C ILE A 177 1.64 -11.89 -5.79
N GLU A 178 1.86 -11.29 -4.63
CA GLU A 178 1.13 -11.68 -3.43
C GLU A 178 -0.37 -11.63 -3.66
N SER A 179 -0.90 -10.43 -3.88
CA SER A 179 -2.33 -10.24 -4.10
C SER A 179 -2.82 -11.17 -5.22
N GLU A 180 -2.05 -11.25 -6.30
CA GLU A 180 -2.41 -12.10 -7.42
C GLU A 180 -2.63 -13.54 -6.97
N ASN A 181 -1.65 -14.08 -6.25
CA ASN A 181 -1.74 -15.46 -5.76
C ASN A 181 -1.60 -15.50 -4.24
N SER A 182 -2.64 -15.04 -3.54
CA SER A 182 -2.63 -15.02 -2.09
C SER A 182 -2.26 -16.39 -1.53
N GLU A 90 -9.35 8.18 9.61
CA GLU A 90 -8.77 9.25 10.42
C GLU A 90 -8.44 8.75 11.81
N LYS A 91 -7.99 7.50 11.91
CA LYS A 91 -7.63 6.91 13.19
C LYS A 91 -6.17 7.15 13.51
N ALA A 92 -5.90 8.22 14.26
CA ALA A 92 -4.53 8.56 14.64
C ALA A 92 -4.04 7.67 15.78
N LYS A 93 -4.98 7.17 16.57
CA LYS A 93 -4.64 6.31 17.70
C LYS A 93 -3.79 5.14 17.24
N ARG A 94 -3.95 4.73 15.99
CA ARG A 94 -3.19 3.63 15.43
C ARG A 94 -1.68 3.91 15.50
N HIS A 95 -1.33 5.18 15.51
CA HIS A 95 0.07 5.59 15.57
C HIS A 95 0.78 4.90 16.72
N GLU A 96 0.08 4.74 17.84
CA GLU A 96 0.66 4.10 19.01
C GLU A 96 0.66 2.58 18.86
N ALA A 97 -0.38 2.05 18.23
CA ALA A 97 -0.50 0.62 18.02
C ALA A 97 0.52 0.13 16.98
N TRP A 98 1.05 1.07 16.20
CA TRP A 98 2.03 0.75 15.17
C TRP A 98 3.23 0.02 15.78
N ILE A 99 3.46 0.25 17.07
CA ILE A 99 4.58 -0.38 17.76
C ILE A 99 4.53 -1.89 17.62
N THR A 100 3.34 -2.43 17.41
CA THR A 100 3.16 -3.87 17.26
C THR A 100 3.55 -4.32 15.85
N LEU A 101 3.45 -3.41 14.89
CA LEU A 101 3.80 -3.72 13.51
C LEU A 101 5.30 -3.97 13.36
N GLU A 102 6.07 -3.40 14.28
CA GLU A 102 7.52 -3.56 14.26
C GLU A 102 7.90 -5.04 14.18
N LYS A 103 7.10 -5.89 14.82
CA LYS A 103 7.36 -7.33 14.82
C LYS A 103 6.77 -7.98 13.56
N ALA A 104 5.75 -7.35 13.00
CA ALA A 104 5.10 -7.87 11.80
C ALA A 104 6.13 -8.11 10.69
N TYR A 105 6.84 -7.05 10.31
CA TYR A 105 7.84 -7.15 9.26
C TYR A 105 8.83 -8.28 9.55
N GLU A 106 9.04 -8.56 10.83
CA GLU A 106 9.96 -9.61 11.25
C GLU A 106 9.49 -10.97 10.70
N ASP A 107 8.19 -11.17 10.67
CA ASP A 107 7.62 -12.42 10.18
C ASP A 107 6.95 -12.22 8.82
N ALA A 108 7.33 -11.16 8.13
CA ALA A 108 6.77 -10.85 6.82
C ALA A 108 5.24 -10.86 6.87
N GLU A 109 4.69 -9.95 7.66
CA GLU A 109 3.23 -9.85 7.79
C GLU A 109 2.61 -9.27 6.52
N THR A 110 1.33 -9.59 6.30
CA THR A 110 0.62 -9.10 5.12
C THR A 110 -0.33 -7.97 5.48
N VAL A 111 -0.92 -7.35 4.46
CA VAL A 111 -1.85 -6.26 4.67
C VAL A 111 -2.95 -6.26 3.61
N THR A 112 -3.89 -5.33 3.75
CA THR A 112 -5.00 -5.23 2.80
C THR A 112 -5.68 -3.87 2.89
N GLY A 113 -5.80 -3.20 1.74
CA GLY A 113 -6.44 -1.89 1.72
C GLY A 113 -6.80 -1.45 0.31
N VAL A 114 -7.80 -0.58 0.21
CA VAL A 114 -8.25 -0.09 -1.09
C VAL A 114 -7.74 1.33 -1.33
N ILE A 115 -7.28 1.58 -2.56
CA ILE A 115 -6.76 2.89 -2.92
C ILE A 115 -7.79 3.99 -2.63
N ASN A 116 -7.54 4.76 -1.58
CA ASN A 116 -8.43 5.84 -1.19
C ASN A 116 -7.96 7.17 -1.76
N GLY A 117 -6.65 7.38 -1.75
CA GLY A 117 -6.10 8.63 -2.28
C GLY A 117 -5.12 8.38 -3.41
N LYS A 118 -5.16 9.25 -4.42
CA LYS A 118 -4.26 9.13 -5.57
C LYS A 118 -3.47 10.41 -5.77
N VAL A 119 -2.24 10.26 -6.26
CA VAL A 119 -1.37 11.41 -6.51
C VAL A 119 -1.02 11.53 -7.98
N LYS A 120 -0.28 12.57 -8.33
CA LYS A 120 0.13 12.80 -9.71
C LYS A 120 0.98 11.65 -10.23
N GLY A 121 0.34 10.71 -10.92
CA GLY A 121 1.05 9.56 -11.45
C GLY A 121 1.11 8.40 -10.48
N GLY A 122 1.23 8.71 -9.20
CA GLY A 122 1.29 7.67 -8.18
C GLY A 122 -0.05 7.44 -7.50
N PHE A 123 -0.11 6.43 -6.66
CA PHE A 123 -1.35 6.10 -5.95
C PHE A 123 -1.08 5.87 -4.46
N THR A 124 -2.14 5.90 -3.66
CA THR A 124 -2.01 5.70 -2.23
C THR A 124 -3.09 4.74 -1.71
N VAL A 125 -2.77 4.02 -0.63
CA VAL A 125 -3.70 3.07 -0.05
C VAL A 125 -3.70 3.18 1.47
N GLU A 126 -4.81 2.76 2.09
CA GLU A 126 -4.94 2.81 3.54
C GLU A 126 -5.01 1.40 4.13
N LEU A 127 -3.94 0.99 4.80
CA LEU A 127 -3.88 -0.34 5.41
C LEU A 127 -3.95 -0.24 6.93
N ASN A 128 -5.17 -0.17 7.46
CA ASN A 128 -5.37 -0.07 8.90
C ASN A 128 -4.54 1.06 9.50
N GLY A 129 -4.72 2.27 8.97
CA GLY A 129 -3.99 3.42 9.47
C GLY A 129 -2.73 3.68 8.65
N ILE A 130 -2.09 2.63 8.17
CA ILE A 130 -0.89 2.76 7.38
C ILE A 130 -1.20 3.33 6.00
N ARG A 131 -0.23 4.04 5.42
CA ARG A 131 -0.40 4.63 4.11
C ARG A 131 0.60 4.06 3.11
N ALA A 132 0.09 3.35 2.12
CA ALA A 132 0.94 2.74 1.09
C ALA A 132 1.10 3.66 -0.11
N PHE A 133 2.12 3.41 -0.90
CA PHE A 133 2.39 4.21 -2.09
C PHE A 133 2.74 3.33 -3.29
N LEU A 134 1.87 3.33 -4.29
CA LEU A 134 2.08 2.53 -5.48
C LEU A 134 2.91 3.29 -6.50
N PRO A 135 3.96 2.63 -7.02
CA PRO A 135 4.86 3.23 -8.02
C PRO A 135 4.18 3.41 -9.37
N GLY A 136 4.24 4.62 -9.91
CA GLY A 136 3.63 4.90 -11.20
C GLY A 136 4.05 3.91 -12.26
N SER A 137 5.26 3.35 -12.11
CA SER A 137 5.78 2.39 -13.07
C SER A 137 4.83 1.21 -13.24
N LEU A 138 4.03 0.96 -12.21
CA LEU A 138 3.07 -0.14 -12.23
C LEU A 138 1.74 0.31 -12.80
N VAL A 139 1.38 1.56 -12.56
CA VAL A 139 0.14 2.12 -13.06
C VAL A 139 0.02 1.93 -14.57
N ASP A 140 1.16 1.87 -15.24
CA ASP A 140 1.19 1.70 -16.69
C ASP A 140 1.87 0.39 -17.06
N VAL A 141 1.10 -0.54 -17.61
CA VAL A 141 1.64 -1.84 -18.02
C VAL A 141 0.58 -2.66 -18.75
N ARG A 142 0.92 -3.07 -19.98
CA ARG A 142 -0.01 -3.86 -20.79
C ARG A 142 -1.27 -3.07 -21.10
N PRO A 143 -2.00 -3.50 -22.15
CA PRO A 143 -3.24 -2.85 -22.57
C PRO A 143 -4.37 -3.05 -21.57
N VAL A 144 -5.27 -2.08 -21.51
CA VAL A 144 -6.41 -2.15 -20.60
C VAL A 144 -7.62 -1.41 -21.15
N ARG A 145 -8.80 -1.73 -20.65
CA ARG A 145 -10.03 -1.09 -21.10
C ARG A 145 -10.60 -0.19 -20.00
N ASP A 146 -11.18 -0.81 -18.98
CA ASP A 146 -11.77 -0.07 -17.88
C ASP A 146 -10.71 0.71 -17.12
N THR A 147 -11.07 1.89 -16.63
CA THR A 147 -10.15 2.73 -15.89
C THR A 147 -10.50 2.76 -14.40
N LEU A 148 -11.19 1.73 -13.94
CA LEU A 148 -11.58 1.62 -12.54
C LEU A 148 -10.48 0.98 -11.71
N HIS A 149 -9.62 0.20 -12.38
CA HIS A 149 -8.53 -0.47 -11.69
C HIS A 149 -7.51 0.53 -11.16
N LEU A 150 -7.46 1.71 -11.78
CA LEU A 150 -6.54 2.75 -11.37
C LEU A 150 -6.86 3.23 -9.95
N GLU A 151 -8.07 3.73 -9.76
CA GLU A 151 -8.51 4.22 -8.46
C GLU A 151 -9.71 3.43 -7.95
N GLY A 152 -9.74 3.18 -6.65
CA GLY A 152 -10.84 2.44 -6.06
C GLY A 152 -10.56 0.95 -6.01
N LYS A 153 -9.55 0.50 -6.75
CA LYS A 153 -9.20 -0.91 -6.79
C LYS A 153 -8.96 -1.45 -5.39
N GLU A 154 -9.61 -2.57 -5.07
CA GLU A 154 -9.47 -3.18 -3.76
C GLU A 154 -8.61 -4.44 -3.84
N LEU A 155 -7.38 -4.33 -3.36
CA LEU A 155 -6.45 -5.45 -3.38
C LEU A 155 -5.64 -5.52 -2.07
N GLU A 156 -4.77 -6.51 -1.98
CA GLU A 156 -3.94 -6.68 -0.79
C GLU A 156 -2.46 -6.50 -1.13
N PHE A 157 -1.69 -6.08 -0.13
CA PHE A 157 -0.26 -5.86 -0.32
C PHE A 157 0.55 -6.64 0.72
N LYS A 158 1.87 -6.54 0.62
CA LYS A 158 2.76 -7.23 1.55
C LYS A 158 3.82 -6.28 2.10
N VAL A 159 4.43 -6.65 3.22
CA VAL A 159 5.45 -5.83 3.84
C VAL A 159 6.78 -5.97 3.10
N ILE A 160 7.36 -4.83 2.73
CA ILE A 160 8.64 -4.83 2.02
C ILE A 160 9.64 -3.91 2.70
N LYS A 161 9.16 -2.77 3.20
CA LYS A 161 10.02 -1.81 3.88
C LYS A 161 9.20 -0.67 4.47
N LEU A 162 9.47 -0.35 5.73
CA LEU A 162 8.75 0.73 6.41
C LEU A 162 9.57 1.27 7.59
N ASP A 163 9.62 2.59 7.71
CA ASP A 163 10.36 3.23 8.79
C ASP A 163 9.42 4.03 9.69
N GLN A 164 9.48 3.73 10.99
CA GLN A 164 8.63 4.42 11.96
C GLN A 164 9.21 5.78 12.33
N LYS A 165 10.52 5.91 12.19
CA LYS A 165 11.20 7.16 12.51
C LYS A 165 10.93 8.22 11.44
N ARG A 166 10.95 7.80 10.18
CA ARG A 166 10.70 8.69 9.07
C ARG A 166 9.20 8.88 8.84
N ASN A 167 8.41 7.99 9.43
CA ASN A 167 6.95 8.06 9.29
C ASN A 167 6.53 7.90 7.83
N ASN A 168 7.18 6.96 7.14
CA ASN A 168 6.88 6.71 5.74
C ASN A 168 6.94 5.22 5.43
N VAL A 169 6.00 4.75 4.61
CA VAL A 169 5.95 3.34 4.23
C VAL A 169 5.46 3.17 2.80
N VAL A 170 6.06 2.22 2.09
CA VAL A 170 5.68 1.95 0.70
C VAL A 170 5.54 0.46 0.44
N VAL A 171 4.96 0.11 -0.70
CA VAL A 171 4.76 -1.29 -1.06
C VAL A 171 5.47 -1.61 -2.37
N SER A 172 5.92 -2.86 -2.49
CA SER A 172 6.62 -3.31 -3.70
C SER A 172 5.63 -3.74 -4.77
N ARG A 173 6.06 -3.68 -6.02
CA ARG A 173 5.21 -4.06 -7.14
C ARG A 173 4.87 -5.55 -7.08
N ARG A 174 5.84 -6.36 -6.68
CA ARG A 174 5.64 -7.80 -6.57
C ARG A 174 4.91 -8.16 -5.28
N ALA A 175 5.00 -7.27 -4.29
CA ALA A 175 4.35 -7.49 -3.01
C ALA A 175 2.86 -7.78 -3.19
N VAL A 176 2.23 -7.04 -4.09
CA VAL A 176 0.80 -7.21 -4.36
C VAL A 176 0.53 -8.57 -4.98
N ILE A 177 1.55 -9.17 -5.58
CA ILE A 177 1.42 -10.46 -6.22
C ILE A 177 1.24 -11.57 -5.19
N GLU A 178 2.17 -11.64 -4.22
CA GLU A 178 2.10 -12.64 -3.18
C GLU A 178 0.77 -12.59 -2.45
N SER A 179 0.36 -11.38 -2.06
CA SER A 179 -0.90 -11.19 -1.35
C SER A 179 -2.07 -11.75 -2.16
N GLU A 180 -2.05 -11.51 -3.46
CA GLU A 180 -3.11 -12.00 -4.34
C GLU A 180 -3.13 -13.52 -4.38
N ASN A 181 -1.97 -14.11 -4.66
CA ASN A 181 -1.85 -15.56 -4.73
C ASN A 181 -1.45 -16.14 -3.37
N SER A 182 -2.22 -15.81 -2.35
CA SER A 182 -1.94 -16.30 -1.00
C SER A 182 -1.77 -17.82 -0.99
N GLU A 90 -9.14 5.46 11.51
CA GLU A 90 -8.33 6.54 10.99
C GLU A 90 -7.93 7.50 12.11
N LYS A 91 -6.91 7.12 12.86
CA LYS A 91 -6.42 7.95 13.96
C LYS A 91 -4.95 8.33 13.75
N ALA A 92 -4.61 9.57 14.09
CA ALA A 92 -3.25 10.05 13.94
C ALA A 92 -2.37 9.58 15.10
N LYS A 93 -2.95 9.56 16.29
CA LYS A 93 -2.22 9.14 17.48
C LYS A 93 -1.73 7.70 17.34
N ARG A 94 -2.35 6.96 16.43
CA ARG A 94 -1.98 5.56 16.19
C ARG A 94 -0.53 5.47 15.76
N HIS A 95 0.02 6.57 15.27
CA HIS A 95 1.41 6.60 14.81
C HIS A 95 2.34 6.04 15.88
N GLU A 96 1.97 6.24 17.14
CA GLU A 96 2.78 5.76 18.25
C GLU A 96 2.54 4.28 18.50
N ALA A 97 1.28 3.88 18.44
CA ALA A 97 0.91 2.48 18.66
C ALA A 97 1.48 1.58 17.55
N TRP A 98 1.82 2.20 16.42
CA TRP A 98 2.36 1.46 15.30
C TRP A 98 3.63 0.69 15.71
N ILE A 99 4.28 1.18 16.76
CA ILE A 99 5.50 0.54 17.24
C ILE A 99 5.29 -0.95 17.48
N THR A 100 4.05 -1.32 17.80
CA THR A 100 3.72 -2.72 18.05
C THR A 100 3.62 -3.50 16.75
N LEU A 101 2.70 -3.09 15.88
CA LEU A 101 2.51 -3.76 14.60
C LEU A 101 3.80 -3.72 13.76
N GLU A 102 4.67 -2.77 14.09
CA GLU A 102 5.93 -2.61 13.38
C GLU A 102 6.67 -3.94 13.29
N LYS A 103 6.79 -4.63 14.42
CA LYS A 103 7.47 -5.92 14.48
C LYS A 103 6.90 -6.88 13.45
N ALA A 104 5.62 -6.69 13.11
CA ALA A 104 4.97 -7.55 12.13
C ALA A 104 5.46 -7.26 10.72
N TYR A 105 5.59 -5.98 10.39
CA TYR A 105 6.06 -5.56 9.08
C TYR A 105 7.49 -6.00 8.85
N GLU A 106 8.28 -6.03 9.93
CA GLU A 106 9.68 -6.43 9.85
C GLU A 106 9.81 -7.86 9.32
N ASP A 107 8.77 -8.65 9.52
CA ASP A 107 8.77 -10.05 9.07
C ASP A 107 8.08 -10.17 7.71
N ALA A 108 7.99 -9.05 6.99
CA ALA A 108 7.35 -9.04 5.68
C ALA A 108 5.96 -9.66 5.75
N GLU A 109 5.12 -9.13 6.63
CA GLU A 109 3.76 -9.64 6.79
C GLU A 109 2.87 -9.17 5.64
N THR A 110 1.72 -9.83 5.49
CA THR A 110 0.78 -9.47 4.42
C THR A 110 -0.25 -8.46 4.93
N VAL A 111 -0.80 -7.68 4.00
CA VAL A 111 -1.80 -6.68 4.34
C VAL A 111 -2.84 -6.54 3.24
N THR A 112 -3.81 -5.66 3.46
CA THR A 112 -4.88 -5.44 2.49
C THR A 112 -5.52 -4.07 2.68
N GLY A 113 -5.51 -3.26 1.62
CA GLY A 113 -6.10 -1.94 1.70
C GLY A 113 -6.52 -1.41 0.35
N VAL A 114 -7.52 -0.53 0.33
CA VAL A 114 -8.02 0.05 -0.91
C VAL A 114 -7.46 1.46 -1.12
N ILE A 115 -7.11 1.77 -2.36
CA ILE A 115 -6.57 3.08 -2.70
C ILE A 115 -7.56 4.19 -2.36
N ASN A 116 -7.14 5.11 -1.50
CA ASN A 116 -7.99 6.22 -1.09
C ASN A 116 -7.59 7.50 -1.81
N GLY A 117 -6.28 7.74 -1.90
CA GLY A 117 -5.80 8.93 -2.57
C GLY A 117 -4.94 8.60 -3.79
N LYS A 118 -5.06 9.41 -4.83
CA LYS A 118 -4.29 9.21 -6.06
C LYS A 118 -3.50 10.46 -6.41
N VAL A 119 -2.18 10.29 -6.55
CA VAL A 119 -1.31 11.41 -6.89
C VAL A 119 -0.76 11.26 -8.31
N LYS A 120 0.00 12.26 -8.74
CA LYS A 120 0.59 12.24 -10.08
C LYS A 120 1.54 11.06 -10.24
N GLY A 121 1.03 9.96 -10.77
CA GLY A 121 1.84 8.77 -10.97
C GLY A 121 1.82 7.84 -9.77
N GLY A 122 1.78 8.43 -8.57
CA GLY A 122 1.76 7.63 -7.37
C GLY A 122 0.35 7.29 -6.92
N PHE A 123 0.25 6.46 -5.88
CA PHE A 123 -1.05 6.04 -5.36
C PHE A 123 -0.95 5.72 -3.88
N THR A 124 -1.83 6.35 -3.08
CA THR A 124 -1.85 6.13 -1.65
C THR A 124 -2.92 5.11 -1.25
N VAL A 125 -2.61 4.27 -0.27
CA VAL A 125 -3.53 3.26 0.20
C VAL A 125 -3.60 3.23 1.72
N GLU A 126 -4.78 2.92 2.25
CA GLU A 126 -4.98 2.86 3.69
C GLU A 126 -4.86 1.43 4.20
N LEU A 127 -4.13 1.26 5.30
CA LEU A 127 -3.94 -0.07 5.89
C LEU A 127 -4.02 0.01 7.41
N ASN A 128 -5.23 0.15 7.92
CA ASN A 128 -5.44 0.23 9.38
C ASN A 128 -4.75 1.45 9.96
N GLY A 129 -4.85 2.58 9.26
CA GLY A 129 -4.23 3.81 9.73
C GLY A 129 -2.96 4.13 8.97
N ILE A 130 -2.25 3.10 8.53
CA ILE A 130 -1.01 3.28 7.79
C ILE A 130 -1.28 3.67 6.35
N ARG A 131 -0.43 4.53 5.80
CA ARG A 131 -0.58 4.98 4.42
C ARG A 131 0.52 4.40 3.54
N ALA A 132 0.13 3.55 2.60
CA ALA A 132 1.08 2.92 1.69
C ALA A 132 1.23 3.73 0.41
N PHE A 133 2.18 3.35 -0.43
CA PHE A 133 2.43 4.03 -1.68
C PHE A 133 2.67 3.05 -2.81
N LEU A 134 1.96 3.24 -3.91
CA LEU A 134 2.09 2.36 -5.07
C LEU A 134 2.78 3.07 -6.23
N PRO A 135 3.81 2.42 -6.80
CA PRO A 135 4.57 2.96 -7.92
C PRO A 135 3.76 3.02 -9.21
N GLY A 136 3.93 4.11 -9.97
CA GLY A 136 3.21 4.26 -11.21
C GLY A 136 3.60 3.23 -12.25
N SER A 137 4.69 2.52 -11.98
CA SER A 137 5.18 1.49 -12.90
C SER A 137 4.33 0.23 -12.82
N LEU A 138 3.65 0.06 -11.69
CA LEU A 138 2.80 -1.10 -11.48
C LEU A 138 1.37 -0.69 -11.15
N VAL A 139 0.89 0.35 -11.83
CA VAL A 139 -0.45 0.86 -11.61
C VAL A 139 -1.49 -0.26 -11.76
N ASP A 140 -1.57 -0.82 -12.96
CA ASP A 140 -2.51 -1.91 -13.23
C ASP A 140 -2.40 -2.38 -14.68
N VAL A 141 -3.08 -3.48 -15.00
CA VAL A 141 -3.05 -4.03 -16.35
C VAL A 141 -4.36 -3.76 -17.07
N ARG A 142 -4.28 -3.07 -18.21
CA ARG A 142 -5.46 -2.75 -19.00
C ARG A 142 -5.08 -2.00 -20.27
N PRO A 143 -5.99 -2.01 -21.25
CA PRO A 143 -5.76 -1.34 -22.54
C PRO A 143 -5.75 0.18 -22.42
N VAL A 144 -5.29 0.85 -23.45
CA VAL A 144 -5.24 2.31 -23.46
C VAL A 144 -6.58 2.92 -23.08
N ARG A 145 -7.65 2.21 -23.40
CA ARG A 145 -9.00 2.67 -23.08
C ARG A 145 -9.12 3.06 -21.61
N ASP A 146 -9.70 4.23 -21.36
CA ASP A 146 -9.87 4.71 -19.99
C ASP A 146 -10.54 3.65 -19.12
N THR A 147 -10.55 3.89 -17.82
CA THR A 147 -11.16 2.95 -16.87
C THR A 147 -11.26 3.56 -15.48
N LEU A 148 -12.35 3.27 -14.79
CA LEU A 148 -12.56 3.79 -13.44
C LEU A 148 -11.94 2.86 -12.39
N HIS A 149 -11.49 1.70 -12.83
CA HIS A 149 -10.87 0.72 -11.93
C HIS A 149 -9.60 1.30 -11.32
N LEU A 150 -9.10 2.38 -11.90
CA LEU A 150 -7.89 3.02 -11.39
C LEU A 150 -8.14 3.68 -10.04
N GLU A 151 -9.40 4.01 -9.78
CA GLU A 151 -9.77 4.65 -8.51
C GLU A 151 -10.75 3.77 -7.74
N GLY A 152 -10.39 3.45 -6.51
CA GLY A 152 -11.26 2.62 -5.67
C GLY A 152 -10.97 1.14 -5.84
N LYS A 153 -9.75 0.81 -6.23
CA LYS A 153 -9.35 -0.57 -6.43
C LYS A 153 -8.96 -1.23 -5.10
N GLU A 154 -9.55 -2.37 -4.81
CA GLU A 154 -9.27 -3.10 -3.58
C GLU A 154 -8.39 -4.31 -3.85
N LEU A 155 -7.13 -4.24 -3.43
CA LEU A 155 -6.19 -5.33 -3.62
C LEU A 155 -5.32 -5.53 -2.38
N GLU A 156 -4.41 -6.49 -2.46
CA GLU A 156 -3.52 -6.79 -1.34
C GLU A 156 -2.08 -6.48 -1.71
N PHE A 157 -1.28 -6.12 -0.71
CA PHE A 157 0.13 -5.80 -0.92
C PHE A 157 1.02 -6.65 -0.02
N LYS A 158 2.33 -6.62 -0.30
CA LYS A 158 3.29 -7.38 0.48
C LYS A 158 4.31 -6.45 1.13
N VAL A 159 4.43 -6.52 2.45
CA VAL A 159 5.37 -5.70 3.18
C VAL A 159 6.81 -6.09 2.87
N ILE A 160 7.56 -5.16 2.28
CA ILE A 160 8.95 -5.42 1.94
C ILE A 160 9.89 -4.43 2.63
N LYS A 161 9.40 -3.21 2.82
CA LYS A 161 10.19 -2.17 3.48
C LYS A 161 9.33 -0.94 3.76
N LEU A 162 9.23 -0.58 5.03
CA LEU A 162 8.44 0.58 5.44
C LEU A 162 9.28 1.54 6.27
N ASP A 163 9.10 2.84 6.03
CA ASP A 163 9.84 3.85 6.75
C ASP A 163 8.88 4.77 7.53
N GLN A 164 8.58 4.38 8.76
CA GLN A 164 7.68 5.15 9.61
C GLN A 164 8.31 6.49 9.99
N LYS A 165 9.64 6.56 9.89
CA LYS A 165 10.37 7.78 10.22
C LYS A 165 9.84 8.96 9.44
N ARG A 166 9.48 8.73 8.19
CA ARG A 166 8.96 9.79 7.32
C ARG A 166 7.43 9.82 7.38
N ASN A 167 6.87 9.18 8.39
CA ASN A 167 5.41 9.13 8.55
C ASN A 167 4.74 8.67 7.27
N ASN A 168 5.43 7.84 6.50
CA ASN A 168 4.89 7.33 5.24
C ASN A 168 5.32 5.88 5.03
N VAL A 169 4.64 5.20 4.11
CA VAL A 169 4.95 3.81 3.80
C VAL A 169 4.79 3.52 2.31
N VAL A 170 5.64 2.65 1.79
CA VAL A 170 5.60 2.29 0.38
C VAL A 170 5.57 0.78 0.19
N VAL A 171 4.99 0.33 -0.90
CA VAL A 171 4.90 -1.11 -1.20
C VAL A 171 5.60 -1.44 -2.51
N SER A 172 6.22 -2.62 -2.56
CA SER A 172 6.92 -3.05 -3.76
C SER A 172 5.95 -3.37 -4.89
N ARG A 173 6.45 -3.37 -6.12
CA ARG A 173 5.62 -3.65 -7.28
C ARG A 173 5.68 -5.13 -7.65
N ARG A 174 6.86 -5.73 -7.50
CA ARG A 174 7.05 -7.13 -7.82
C ARG A 174 6.54 -8.01 -6.67
N ALA A 175 6.55 -7.47 -5.46
CA ALA A 175 6.08 -8.21 -4.29
C ALA A 175 4.58 -8.45 -4.36
N VAL A 176 3.91 -7.73 -5.25
CA VAL A 176 2.46 -7.87 -5.41
C VAL A 176 2.06 -9.32 -5.62
N ILE A 177 2.96 -10.09 -6.23
CA ILE A 177 2.71 -11.51 -6.49
C ILE A 177 2.52 -12.27 -5.19
N GLU A 178 3.18 -11.81 -4.13
CA GLU A 178 3.08 -12.46 -2.83
C GLU A 178 1.72 -12.21 -2.20
N SER A 179 1.27 -10.96 -2.23
CA SER A 179 -0.02 -10.60 -1.66
C SER A 179 -1.13 -11.50 -2.20
N GLU A 180 -1.15 -11.69 -3.52
CA GLU A 180 -2.15 -12.52 -4.15
C GLU A 180 -2.17 -13.92 -3.54
N ASN A 181 -1.01 -14.55 -3.48
CA ASN A 181 -0.89 -15.89 -2.92
C ASN A 181 -0.14 -15.86 -1.59
N SER A 182 -0.65 -15.05 -0.66
CA SER A 182 -0.03 -14.93 0.66
C SER A 182 0.20 -16.30 1.29
N GLU A 90 -7.13 1.63 12.16
CA GLU A 90 -8.42 2.13 11.69
C GLU A 90 -8.76 3.46 12.34
N LYS A 91 -8.50 3.56 13.64
CA LYS A 91 -8.78 4.79 14.38
C LYS A 91 -7.51 5.62 14.55
N ALA A 92 -7.64 6.75 15.24
CA ALA A 92 -6.51 7.63 15.47
C ALA A 92 -5.61 7.08 16.58
N LYS A 93 -6.22 6.55 17.62
CA LYS A 93 -5.47 5.98 18.74
C LYS A 93 -4.56 4.85 18.28
N ARG A 94 -4.87 4.29 17.12
CA ARG A 94 -4.09 3.19 16.57
C ARG A 94 -2.64 3.62 16.36
N HIS A 95 -2.41 4.93 16.29
CA HIS A 95 -1.07 5.46 16.09
C HIS A 95 -0.10 4.88 17.10
N GLU A 96 -0.61 4.57 18.29
CA GLU A 96 0.21 4.00 19.35
C GLU A 96 0.42 2.50 19.14
N ALA A 97 -0.66 1.80 18.83
CA ALA A 97 -0.60 0.36 18.61
C ALA A 97 0.29 0.03 17.41
N TRP A 98 0.56 1.04 16.59
CA TRP A 98 1.39 0.85 15.41
C TRP A 98 2.78 0.34 15.78
N ILE A 99 3.16 0.56 17.05
CA ILE A 99 4.45 0.11 17.54
C ILE A 99 4.65 -1.38 17.27
N THR A 100 3.56 -2.13 17.29
CA THR A 100 3.62 -3.57 17.05
C THR A 100 3.90 -3.87 15.58
N LEU A 101 3.47 -2.98 14.69
CA LEU A 101 3.68 -3.16 13.27
C LEU A 101 5.16 -3.04 12.92
N GLU A 102 5.92 -2.40 13.81
CA GLU A 102 7.36 -2.23 13.59
C GLU A 102 8.11 -3.52 13.86
N LYS A 103 7.64 -4.26 14.87
CA LYS A 103 8.27 -5.52 15.24
C LYS A 103 7.77 -6.67 14.37
N ALA A 104 6.58 -6.48 13.78
CA ALA A 104 5.99 -7.49 12.91
C ALA A 104 6.68 -7.53 11.56
N TYR A 105 7.23 -6.39 11.15
CA TYR A 105 7.91 -6.29 9.87
C TYR A 105 9.02 -7.33 9.76
N GLU A 106 9.54 -7.76 10.90
CA GLU A 106 10.61 -8.75 10.94
C GLU A 106 10.21 -10.00 10.15
N ASP A 107 8.91 -10.25 10.08
CA ASP A 107 8.40 -11.42 9.36
C ASP A 107 7.96 -11.03 7.95
N ALA A 108 7.73 -9.75 7.74
CA ALA A 108 7.30 -9.25 6.44
C ALA A 108 5.93 -9.80 6.06
N GLU A 109 4.98 -9.68 6.97
CA GLU A 109 3.62 -10.17 6.72
C GLU A 109 2.96 -9.41 5.58
N THR A 110 1.85 -9.94 5.08
CA THR A 110 1.12 -9.32 3.99
C THR A 110 -0.11 -8.57 4.50
N VAL A 111 -0.67 -7.72 3.64
CA VAL A 111 -1.84 -6.94 4.00
C VAL A 111 -2.73 -6.67 2.78
N THR A 112 -3.85 -6.01 3.01
CA THR A 112 -4.78 -5.69 1.92
C THR A 112 -5.52 -4.40 2.20
N GLY A 113 -5.33 -3.41 1.34
CA GLY A 113 -5.99 -2.13 1.51
C GLY A 113 -6.59 -1.61 0.22
N VAL A 114 -7.47 -0.62 0.34
CA VAL A 114 -8.12 -0.04 -0.84
C VAL A 114 -7.54 1.33 -1.16
N ILE A 115 -7.29 1.58 -2.44
CA ILE A 115 -6.74 2.86 -2.87
C ILE A 115 -7.59 4.02 -2.39
N ASN A 116 -7.14 4.69 -1.33
CA ASN A 116 -7.87 5.82 -0.76
C ASN A 116 -7.72 7.06 -1.65
N GLY A 117 -6.49 7.30 -2.10
CA GLY A 117 -6.25 8.45 -2.96
C GLY A 117 -5.37 8.10 -4.15
N LYS A 118 -5.50 8.89 -5.22
CA LYS A 118 -4.72 8.66 -6.44
C LYS A 118 -3.94 9.91 -6.81
N VAL A 119 -2.64 9.74 -7.04
CA VAL A 119 -1.77 10.85 -7.41
C VAL A 119 -1.23 10.68 -8.83
N LYS A 120 -0.49 11.67 -9.30
CA LYS A 120 0.09 11.62 -10.64
C LYS A 120 1.15 10.53 -10.74
N GLY A 121 0.75 9.38 -11.28
CA GLY A 121 1.67 8.26 -11.42
C GLY A 121 1.64 7.33 -10.23
N GLY A 122 1.47 7.90 -9.04
CA GLY A 122 1.42 7.09 -7.84
C GLY A 122 0.01 6.79 -7.39
N PHE A 123 -0.13 5.95 -6.37
CA PHE A 123 -1.43 5.58 -5.84
C PHE A 123 -1.37 5.34 -4.33
N THR A 124 -2.12 6.13 -3.58
CA THR A 124 -2.15 6.01 -2.13
C THR A 124 -3.12 4.92 -1.69
N VAL A 125 -2.82 4.30 -0.55
CA VAL A 125 -3.66 3.23 -0.02
C VAL A 125 -3.79 3.33 1.50
N GLU A 126 -4.92 2.89 2.02
CA GLU A 126 -5.17 2.93 3.47
C GLU A 126 -5.06 1.53 4.07
N LEU A 127 -4.06 1.35 4.94
CA LEU A 127 -3.84 0.06 5.60
C LEU A 127 -4.07 0.18 7.09
N ASN A 128 -5.33 0.22 7.50
CA ASN A 128 -5.68 0.32 8.91
C ASN A 128 -5.18 1.64 9.50
N GLY A 129 -5.53 2.74 8.85
CA GLY A 129 -5.11 4.05 9.32
C GLY A 129 -3.83 4.52 8.66
N ILE A 130 -2.93 3.58 8.37
CA ILE A 130 -1.66 3.90 7.74
C ILE A 130 -1.84 4.21 6.26
N ARG A 131 -0.98 5.05 5.71
CA ARG A 131 -1.04 5.42 4.31
C ARG A 131 0.14 4.84 3.53
N ALA A 132 -0.16 4.22 2.40
CA ALA A 132 0.88 3.62 1.56
C ALA A 132 1.07 4.40 0.27
N PHE A 133 2.10 4.05 -0.48
CA PHE A 133 2.40 4.72 -1.74
C PHE A 133 2.80 3.71 -2.82
N LEU A 134 2.07 3.70 -3.93
CA LEU A 134 2.35 2.79 -5.02
C LEU A 134 3.22 3.46 -6.08
N PRO A 135 4.31 2.78 -6.47
CA PRO A 135 5.24 3.30 -7.49
C PRO A 135 4.64 3.31 -8.87
N GLY A 136 4.78 4.44 -9.57
CA GLY A 136 4.24 4.57 -10.91
C GLY A 136 5.05 3.80 -11.93
N SER A 137 6.22 3.33 -11.54
CA SER A 137 7.09 2.57 -12.43
C SER A 137 6.33 1.44 -13.11
N LEU A 138 5.35 0.88 -12.41
CA LEU A 138 4.53 -0.20 -12.94
C LEU A 138 3.05 0.17 -12.92
N VAL A 139 2.75 1.43 -13.22
CA VAL A 139 1.38 1.91 -13.23
C VAL A 139 1.02 2.49 -14.59
N ASP A 140 1.98 3.13 -15.23
CA ASP A 140 1.77 3.74 -16.54
C ASP A 140 2.29 2.84 -17.65
N VAL A 141 1.38 2.32 -18.46
CA VAL A 141 1.75 1.45 -19.57
C VAL A 141 0.85 1.68 -20.78
N ARG A 142 1.41 2.28 -21.82
CA ARG A 142 0.66 2.56 -23.04
C ARG A 142 -0.47 3.53 -22.77
N PRO A 143 -0.97 4.18 -23.84
CA PRO A 143 -2.07 5.15 -23.74
C PRO A 143 -3.39 4.48 -23.38
N VAL A 144 -4.07 5.01 -22.36
CA VAL A 144 -5.35 4.48 -21.92
C VAL A 144 -6.23 5.58 -21.35
N ARG A 145 -7.55 5.41 -21.50
CA ARG A 145 -8.50 6.39 -20.99
C ARG A 145 -9.49 5.73 -20.03
N ASP A 146 -9.00 4.79 -19.24
CA ASP A 146 -9.84 4.09 -18.27
C ASP A 146 -9.30 4.24 -16.86
N THR A 147 -9.94 5.08 -16.06
CA THR A 147 -9.52 5.32 -14.69
C THR A 147 -10.66 5.11 -13.72
N LEU A 148 -11.63 4.30 -14.12
CA LEU A 148 -12.79 4.01 -13.28
C LEU A 148 -12.50 2.85 -12.32
N HIS A 149 -11.52 2.03 -12.69
CA HIS A 149 -11.14 0.89 -11.85
C HIS A 149 -10.05 1.29 -10.86
N LEU A 150 -9.34 2.36 -11.16
CA LEU A 150 -8.26 2.84 -10.30
C LEU A 150 -8.81 3.78 -9.23
N GLU A 151 -9.85 3.35 -8.53
CA GLU A 151 -10.46 4.16 -7.49
C GLU A 151 -11.38 3.31 -6.61
N GLY A 152 -11.12 3.32 -5.31
CA GLY A 152 -11.92 2.55 -4.38
C GLY A 152 -11.83 1.06 -4.63
N LYS A 153 -10.66 0.61 -5.09
CA LYS A 153 -10.46 -0.81 -5.37
C LYS A 153 -9.65 -1.47 -4.26
N GLU A 154 -10.17 -2.58 -3.77
CA GLU A 154 -9.50 -3.31 -2.69
C GLU A 154 -8.46 -4.28 -3.25
N LEU A 155 -7.19 -3.92 -3.12
CA LEU A 155 -6.10 -4.75 -3.61
C LEU A 155 -5.24 -5.26 -2.46
N GLU A 156 -4.57 -6.39 -2.69
CA GLU A 156 -3.71 -6.99 -1.69
C GLU A 156 -2.26 -6.59 -1.89
N PHE A 157 -1.62 -6.12 -0.82
CA PHE A 157 -0.23 -5.69 -0.88
C PHE A 157 0.62 -6.46 0.13
N LYS A 158 1.91 -6.15 0.17
CA LYS A 158 2.83 -6.81 1.09
C LYS A 158 3.84 -5.81 1.66
N VAL A 159 4.24 -6.03 2.90
CA VAL A 159 5.20 -5.14 3.56
C VAL A 159 6.62 -5.69 3.43
N ILE A 160 7.23 -5.49 2.26
CA ILE A 160 8.58 -5.96 2.01
C ILE A 160 9.61 -4.89 2.37
N LYS A 161 9.19 -3.63 2.32
CA LYS A 161 10.07 -2.51 2.64
C LYS A 161 9.27 -1.33 3.17
N LEU A 162 9.50 -0.99 4.44
CA LEU A 162 8.80 0.13 5.07
C LEU A 162 9.79 1.20 5.51
N ASP A 163 9.34 2.45 5.51
CA ASP A 163 10.18 3.57 5.91
C ASP A 163 9.63 4.25 7.15
N GLN A 164 9.47 3.48 8.22
CA GLN A 164 8.93 4.00 9.47
C GLN A 164 9.81 5.14 10.00
N LYS A 165 11.08 5.12 9.61
CA LYS A 165 12.03 6.14 10.05
C LYS A 165 11.52 7.54 9.69
N ARG A 166 10.68 7.62 8.66
CA ARG A 166 10.12 8.89 8.22
C ARG A 166 8.64 8.97 8.57
N ASN A 167 8.23 8.23 9.59
CA ASN A 167 6.84 8.23 10.03
C ASN A 167 5.91 7.92 8.87
N ASN A 168 6.41 7.17 7.90
CA ASN A 168 5.62 6.80 6.73
C ASN A 168 5.94 5.37 6.28
N VAL A 169 5.18 4.88 5.31
CA VAL A 169 5.39 3.54 4.79
C VAL A 169 5.02 3.45 3.31
N VAL A 170 5.78 2.65 2.56
CA VAL A 170 5.53 2.48 1.13
C VAL A 170 5.43 1.01 0.77
N VAL A 171 5.02 0.74 -0.47
CA VAL A 171 4.88 -0.63 -0.96
C VAL A 171 5.77 -0.87 -2.17
N SER A 172 6.14 -2.14 -2.38
CA SER A 172 6.99 -2.51 -3.51
C SER A 172 6.15 -2.80 -4.75
N ARG A 173 6.77 -2.67 -5.92
CA ARG A 173 6.09 -2.92 -7.17
C ARG A 173 6.07 -4.42 -7.49
N ARG A 174 7.08 -5.12 -7.02
CA ARG A 174 7.18 -6.56 -7.25
C ARG A 174 6.13 -7.32 -6.47
N ALA A 175 5.66 -6.72 -5.38
CA ALA A 175 4.65 -7.34 -4.54
C ALA A 175 3.32 -7.49 -5.28
N VAL A 176 3.21 -6.79 -6.41
CA VAL A 176 1.99 -6.84 -7.21
C VAL A 176 1.63 -8.29 -7.54
N ILE A 177 2.62 -9.15 -7.60
CA ILE A 177 2.40 -10.56 -7.92
C ILE A 177 1.46 -11.20 -6.90
N GLU A 178 1.36 -10.59 -5.72
CA GLU A 178 0.50 -11.10 -4.67
C GLU A 178 -0.96 -10.80 -4.97
N SER A 179 -1.25 -9.53 -5.26
CA SER A 179 -2.62 -9.10 -5.56
C SER A 179 -3.23 -9.98 -6.65
N GLU A 180 -2.62 -9.96 -7.83
CA GLU A 180 -3.11 -10.76 -8.95
C GLU A 180 -3.33 -12.21 -8.53
N ASN A 181 -2.30 -12.82 -7.97
CA ASN A 181 -2.38 -14.21 -7.53
C ASN A 181 -2.83 -15.12 -8.66
N SER A 182 -2.48 -14.73 -9.89
CA SER A 182 -2.85 -15.51 -11.07
C SER A 182 -2.44 -16.97 -10.90
N GLU A 90 -11.43 4.17 16.54
CA GLU A 90 -10.06 4.13 17.05
C GLU A 90 -9.05 4.48 15.95
N LYS A 91 -8.45 5.66 16.06
CA LYS A 91 -7.47 6.11 15.08
C LYS A 91 -6.17 6.52 15.76
N ALA A 92 -6.21 7.63 16.50
CA ALA A 92 -5.04 8.13 17.20
C ALA A 92 -4.49 7.08 18.16
N LYS A 93 -5.39 6.41 18.88
CA LYS A 93 -5.01 5.38 19.83
C LYS A 93 -4.16 4.30 19.16
N ARG A 94 -4.36 4.14 17.85
CA ARG A 94 -3.62 3.14 17.09
C ARG A 94 -2.16 3.59 16.87
N HIS A 95 -1.95 4.90 16.92
CA HIS A 95 -0.61 5.46 16.72
C HIS A 95 0.40 4.78 17.64
N GLU A 96 0.03 4.62 18.91
CA GLU A 96 0.89 3.99 19.88
C GLU A 96 0.91 2.48 19.71
N ALA A 97 -0.21 1.92 19.26
CA ALA A 97 -0.33 0.49 19.05
C ALA A 97 0.50 0.04 17.85
N TRP A 98 0.88 1.00 17.01
CA TRP A 98 1.68 0.71 15.83
C TRP A 98 2.98 0.01 16.21
N ILE A 99 3.42 0.21 17.45
CA ILE A 99 4.64 -0.40 17.94
C ILE A 99 4.63 -1.91 17.74
N THR A 100 3.43 -2.49 17.72
CA THR A 100 3.28 -3.92 17.53
C THR A 100 3.47 -4.32 16.07
N LEU A 101 2.64 -3.75 15.20
CA LEU A 101 2.71 -4.04 13.78
C LEU A 101 4.06 -3.62 13.21
N GLU A 102 4.76 -2.75 13.94
CA GLU A 102 6.06 -2.27 13.51
C GLU A 102 7.00 -3.43 13.20
N LYS A 103 7.29 -4.25 14.21
CA LYS A 103 8.17 -5.39 14.05
C LYS A 103 7.53 -6.44 13.15
N ALA A 104 6.21 -6.42 13.06
CA ALA A 104 5.48 -7.36 12.22
C ALA A 104 6.01 -7.36 10.79
N TYR A 105 6.22 -6.16 10.25
CA TYR A 105 6.71 -6.01 8.89
C TYR A 105 8.01 -6.80 8.70
N GLU A 106 8.80 -6.90 9.76
CA GLU A 106 10.07 -7.63 9.70
C GLU A 106 9.83 -9.08 9.28
N ASP A 107 8.63 -9.58 9.55
CA ASP A 107 8.28 -10.96 9.20
C ASP A 107 7.50 -11.00 7.90
N ALA A 108 7.62 -9.94 7.10
CA ALA A 108 6.92 -9.86 5.83
C ALA A 108 5.42 -10.09 6.01
N GLU A 109 4.77 -9.19 6.73
CA GLU A 109 3.34 -9.29 6.98
C GLU A 109 2.53 -8.81 5.78
N THR A 110 1.21 -8.89 5.88
CA THR A 110 0.34 -8.46 4.80
C THR A 110 -0.60 -7.34 5.26
N VAL A 111 -1.30 -6.74 4.30
CA VAL A 111 -2.23 -5.66 4.61
C VAL A 111 -3.55 -5.84 3.88
N THR A 112 -4.47 -4.91 4.07
CA THR A 112 -5.78 -4.96 3.42
C THR A 112 -6.39 -3.58 3.30
N GLY A 113 -6.68 -3.17 2.07
CA GLY A 113 -7.28 -1.87 1.84
C GLY A 113 -7.45 -1.56 0.36
N VAL A 114 -8.21 -0.50 0.07
CA VAL A 114 -8.45 -0.11 -1.31
C VAL A 114 -7.85 1.27 -1.61
N ILE A 115 -7.46 1.48 -2.86
CA ILE A 115 -6.88 2.74 -3.28
C ILE A 115 -7.85 3.89 -3.05
N ASN A 116 -7.67 4.61 -1.95
CA ASN A 116 -8.53 5.74 -1.63
C ASN A 116 -8.01 7.03 -2.27
N GLY A 117 -6.69 7.21 -2.23
CA GLY A 117 -6.09 8.40 -2.80
C GLY A 117 -5.21 8.08 -4.00
N LYS A 118 -5.27 8.93 -5.02
CA LYS A 118 -4.48 8.74 -6.22
C LYS A 118 -3.61 9.97 -6.51
N VAL A 119 -2.31 9.75 -6.61
CA VAL A 119 -1.37 10.84 -6.88
C VAL A 119 -0.81 10.74 -8.29
N LYS A 120 0.00 11.71 -8.68
CA LYS A 120 0.60 11.74 -10.00
C LYS A 120 1.59 10.59 -10.17
N GLY A 121 1.15 9.52 -10.81
CA GLY A 121 2.01 8.38 -11.04
C GLY A 121 1.91 7.35 -9.92
N GLY A 122 1.73 7.84 -8.69
CA GLY A 122 1.63 6.94 -7.55
C GLY A 122 0.19 6.69 -7.15
N PHE A 123 -0.01 5.78 -6.21
CA PHE A 123 -1.35 5.44 -5.73
C PHE A 123 -1.34 5.15 -4.23
N THR A 124 -2.08 5.94 -3.47
CA THR A 124 -2.15 5.77 -2.03
C THR A 124 -3.20 4.72 -1.66
N VAL A 125 -2.96 4.03 -0.54
CA VAL A 125 -3.87 3.00 -0.07
C VAL A 125 -3.96 2.99 1.45
N GLU A 126 -5.18 2.84 1.97
CA GLU A 126 -5.39 2.82 3.41
C GLU A 126 -5.31 1.39 3.94
N LEU A 127 -4.21 1.08 4.61
CA LEU A 127 -4.01 -0.25 5.17
C LEU A 127 -4.37 -0.27 6.65
N ASN A 128 -5.65 -0.47 6.95
CA ASN A 128 -6.13 -0.51 8.32
C ASN A 128 -5.65 0.72 9.09
N GLY A 129 -5.76 1.88 8.48
CA GLY A 129 -5.34 3.10 9.12
C GLY A 129 -4.01 3.62 8.60
N ILE A 130 -3.13 2.69 8.24
CA ILE A 130 -1.81 3.05 7.73
C ILE A 130 -1.91 3.59 6.31
N ARG A 131 -0.95 4.44 5.94
CA ARG A 131 -0.93 5.03 4.60
C ARG A 131 0.14 4.38 3.74
N ALA A 132 -0.28 3.77 2.63
CA ALA A 132 0.65 3.11 1.72
C ALA A 132 0.93 3.99 0.50
N PHE A 133 1.89 3.57 -0.31
CA PHE A 133 2.26 4.31 -1.52
C PHE A 133 2.67 3.35 -2.64
N LEU A 134 1.96 3.42 -3.76
CA LEU A 134 2.27 2.57 -4.91
C LEU A 134 3.20 3.27 -5.88
N PRO A 135 4.27 2.57 -6.26
CA PRO A 135 5.28 3.10 -7.19
C PRO A 135 4.73 3.25 -8.62
N GLY A 136 5.02 4.38 -9.24
CA GLY A 136 4.55 4.62 -10.60
C GLY A 136 5.20 3.70 -11.61
N SER A 137 6.25 3.00 -11.18
CA SER A 137 6.97 2.08 -12.06
C SER A 137 6.01 1.09 -12.71
N LEU A 138 4.99 0.69 -11.96
CA LEU A 138 4.00 -0.26 -12.46
C LEU A 138 2.60 0.32 -12.38
N VAL A 139 2.48 1.61 -12.68
CA VAL A 139 1.19 2.29 -12.65
C VAL A 139 0.81 2.83 -14.02
N ASP A 140 1.81 3.06 -14.86
CA ASP A 140 1.59 3.58 -16.20
C ASP A 140 1.62 2.45 -17.23
N VAL A 141 0.46 2.16 -17.82
CA VAL A 141 0.35 1.11 -18.82
C VAL A 141 -0.80 1.37 -19.77
N ARG A 142 -0.54 1.24 -21.07
CA ARG A 142 -1.55 1.47 -22.09
C ARG A 142 -2.04 2.91 -22.05
N PRO A 143 -2.68 3.35 -23.15
CA PRO A 143 -3.21 4.71 -23.27
C PRO A 143 -4.42 4.94 -22.37
N VAL A 144 -4.76 6.21 -22.15
CA VAL A 144 -5.90 6.57 -21.31
C VAL A 144 -7.15 5.79 -21.73
N ARG A 145 -7.91 5.34 -20.73
CA ARG A 145 -9.13 4.60 -21.00
C ARG A 145 -9.84 4.23 -19.69
N ASP A 146 -10.93 4.93 -19.40
CA ASP A 146 -11.69 4.67 -18.17
C ASP A 146 -10.81 4.87 -16.94
N THR A 147 -10.92 6.05 -16.33
CA THR A 147 -10.14 6.36 -15.14
C THR A 147 -10.83 5.87 -13.88
N LEU A 148 -11.95 5.17 -14.06
CA LEU A 148 -12.70 4.64 -12.94
C LEU A 148 -12.18 3.27 -12.53
N HIS A 149 -11.31 2.70 -13.35
CA HIS A 149 -10.72 1.39 -13.07
C HIS A 149 -9.67 1.48 -11.97
N LEU A 150 -9.37 2.71 -11.55
CA LEU A 150 -8.38 2.93 -10.50
C LEU A 150 -9.02 3.61 -9.28
N GLU A 151 -10.29 3.32 -9.06
CA GLU A 151 -11.02 3.89 -7.92
C GLU A 151 -11.71 2.80 -7.11
N GLY A 152 -11.45 2.79 -5.81
CA GLY A 152 -12.05 1.80 -4.94
C GLY A 152 -11.62 0.38 -5.29
N LYS A 153 -10.39 0.25 -5.78
CA LYS A 153 -9.86 -1.06 -6.15
C LYS A 153 -9.55 -1.89 -4.91
N GLU A 154 -10.01 -3.14 -4.92
CA GLU A 154 -9.78 -4.04 -3.79
C GLU A 154 -8.63 -4.99 -4.08
N LEU A 155 -7.44 -4.63 -3.60
CA LEU A 155 -6.25 -5.45 -3.81
C LEU A 155 -5.40 -5.52 -2.54
N GLU A 156 -4.84 -6.70 -2.28
CA GLU A 156 -4.01 -6.88 -1.09
C GLU A 156 -2.55 -6.58 -1.41
N PHE A 157 -1.93 -5.74 -0.57
CA PHE A 157 -0.53 -5.37 -0.77
C PHE A 157 0.35 -5.97 0.33
N LYS A 158 1.64 -5.68 0.27
CA LYS A 158 2.59 -6.19 1.25
C LYS A 158 3.67 -5.16 1.56
N VAL A 159 4.20 -5.20 2.77
CA VAL A 159 5.24 -4.26 3.19
C VAL A 159 6.63 -4.84 2.90
N ILE A 160 7.34 -4.22 1.96
CA ILE A 160 8.68 -4.66 1.61
C ILE A 160 9.73 -4.01 2.49
N LYS A 161 9.48 -2.77 2.90
CA LYS A 161 10.40 -2.04 3.76
C LYS A 161 9.84 -0.66 4.10
N LEU A 162 9.78 -0.37 5.39
CA LEU A 162 9.26 0.92 5.87
C LEU A 162 10.41 1.85 6.26
N ASP A 163 10.49 2.98 5.59
CA ASP A 163 11.53 3.97 5.87
C ASP A 163 11.26 4.69 7.19
N GLN A 164 12.24 4.68 8.07
CA GLN A 164 12.10 5.34 9.37
C GLN A 164 12.28 6.85 9.24
N LYS A 165 13.06 7.26 8.26
CA LYS A 165 13.32 8.68 8.03
C LYS A 165 12.01 9.45 7.89
N ARG A 166 10.99 8.79 7.36
CA ARG A 166 9.68 9.41 7.18
C ARG A 166 8.64 8.76 8.09
N ASN A 167 8.97 7.58 8.61
CA ASN A 167 8.07 6.84 9.48
C ASN A 167 6.79 6.47 8.74
N ASN A 168 6.94 5.92 7.55
CA ASN A 168 5.79 5.51 6.74
C ASN A 168 6.08 4.22 6.00
N VAL A 169 5.02 3.48 5.67
CA VAL A 169 5.17 2.22 4.95
C VAL A 169 4.80 2.37 3.48
N VAL A 170 5.51 1.65 2.63
CA VAL A 170 5.27 1.71 1.19
C VAL A 170 5.19 0.32 0.59
N VAL A 171 4.79 0.24 -0.67
CA VAL A 171 4.66 -1.04 -1.37
C VAL A 171 5.57 -1.09 -2.59
N SER A 172 5.94 -2.30 -3.00
CA SER A 172 6.82 -2.48 -4.15
C SER A 172 6.06 -3.14 -5.31
N ARG A 173 6.48 -2.83 -6.53
CA ARG A 173 5.84 -3.38 -7.72
C ARG A 173 6.37 -4.77 -8.02
N ARG A 174 7.30 -5.25 -7.19
CA ARG A 174 7.89 -6.57 -7.37
C ARG A 174 6.97 -7.65 -6.82
N ALA A 175 6.66 -7.56 -5.53
CA ALA A 175 5.78 -8.54 -4.90
C ALA A 175 4.32 -8.21 -5.12
N VAL A 176 4.07 -7.04 -5.72
CA VAL A 176 2.71 -6.60 -6.00
C VAL A 176 1.92 -7.68 -6.73
N ILE A 177 2.63 -8.51 -7.48
CA ILE A 177 1.99 -9.60 -8.24
C ILE A 177 1.07 -10.42 -7.33
N GLU A 178 1.41 -10.51 -6.05
CA GLU A 178 0.61 -11.26 -5.10
C GLU A 178 -0.83 -10.78 -5.11
N SER A 179 -1.02 -9.47 -5.09
CA SER A 179 -2.35 -8.88 -5.09
C SER A 179 -3.20 -9.46 -6.22
N GLU A 180 -2.60 -9.58 -7.40
CA GLU A 180 -3.31 -10.12 -8.56
C GLU A 180 -3.68 -11.59 -8.34
N ASN A 181 -2.69 -12.39 -7.93
CA ASN A 181 -2.92 -13.81 -7.68
C ASN A 181 -3.44 -14.03 -6.27
N SER A 182 -4.53 -13.36 -5.93
CA SER A 182 -5.13 -13.47 -4.60
C SER A 182 -6.36 -12.58 -4.48
N GLU A 90 -8.87 5.58 15.30
CA GLU A 90 -7.59 5.99 14.74
C GLU A 90 -7.11 7.29 15.38
N LYS A 91 -5.82 7.36 15.65
CA LYS A 91 -5.23 8.55 16.26
C LYS A 91 -3.82 8.79 15.72
N ALA A 92 -3.32 10.01 15.93
CA ALA A 92 -1.98 10.37 15.48
C ALA A 92 -0.91 9.83 16.42
N LYS A 93 -1.27 9.69 17.69
CA LYS A 93 -0.35 9.18 18.70
C LYS A 93 0.14 7.78 18.34
N ARG A 94 -0.63 7.10 17.49
CA ARG A 94 -0.28 5.75 17.06
C ARG A 94 1.06 5.73 16.33
N HIS A 95 1.47 6.91 15.84
CA HIS A 95 2.73 7.02 15.11
C HIS A 95 3.88 6.43 15.92
N GLU A 96 3.77 6.50 17.24
CA GLU A 96 4.81 5.97 18.13
C GLU A 96 4.65 4.46 18.29
N ALA A 97 3.42 4.02 18.52
CA ALA A 97 3.14 2.59 18.70
C ALA A 97 3.45 1.81 17.43
N TRP A 98 3.59 2.53 16.32
CA TRP A 98 3.89 1.90 15.04
C TRP A 98 5.18 1.09 15.11
N ILE A 99 6.03 1.44 16.07
CA ILE A 99 7.31 0.74 16.25
C ILE A 99 7.09 -0.76 16.41
N THR A 100 5.91 -1.13 16.90
CA THR A 100 5.58 -2.54 17.11
C THR A 100 5.15 -3.20 15.80
N LEU A 101 4.10 -2.67 15.19
CA LEU A 101 3.58 -3.20 13.93
C LEU A 101 4.64 -3.11 12.83
N GLU A 102 5.64 -2.25 13.05
CA GLU A 102 6.71 -2.07 12.08
C GLU A 102 7.64 -3.27 12.07
N LYS A 103 7.71 -3.96 13.20
CA LYS A 103 8.58 -5.14 13.33
C LYS A 103 7.94 -6.36 12.68
N ALA A 104 6.61 -6.33 12.55
CA ALA A 104 5.88 -7.44 11.94
C ALA A 104 6.24 -7.58 10.47
N TYR A 105 6.40 -6.46 9.78
CA TYR A 105 6.75 -6.46 8.37
C TYR A 105 8.16 -6.98 8.16
N GLU A 106 9.00 -6.86 9.19
CA GLU A 106 10.38 -7.30 9.11
C GLU A 106 10.45 -8.78 8.74
N ASP A 107 9.39 -9.52 9.06
CA ASP A 107 9.33 -10.94 8.77
C ASP A 107 8.62 -11.19 7.44
N ALA A 108 8.58 -10.18 6.59
CA ALA A 108 7.94 -10.28 5.29
C ALA A 108 6.45 -10.62 5.43
N GLU A 109 5.69 -9.69 6.02
CA GLU A 109 4.26 -9.90 6.22
C GLU A 109 3.48 -9.38 5.02
N THR A 110 2.19 -9.71 4.99
CA THR A 110 1.31 -9.28 3.90
C THR A 110 0.15 -8.43 4.41
N VAL A 111 -0.18 -7.38 3.68
CA VAL A 111 -1.27 -6.49 4.06
C VAL A 111 -2.28 -6.34 2.93
N THR A 112 -3.28 -5.51 3.15
CA THR A 112 -4.32 -5.27 2.16
C THR A 112 -5.08 -3.98 2.43
N GLY A 113 -5.09 -3.08 1.45
CA GLY A 113 -5.77 -1.81 1.61
C GLY A 113 -6.33 -1.28 0.30
N VAL A 114 -7.44 -0.57 0.37
CA VAL A 114 -8.06 0.00 -0.82
C VAL A 114 -7.55 1.41 -1.09
N ILE A 115 -7.25 1.68 -2.36
CA ILE A 115 -6.74 2.99 -2.75
C ILE A 115 -7.78 4.07 -2.50
N ASN A 116 -7.54 4.89 -1.47
CA ASN A 116 -8.44 5.97 -1.12
C ASN A 116 -8.06 7.26 -1.83
N GLY A 117 -6.75 7.47 -2.01
CA GLY A 117 -6.27 8.66 -2.68
C GLY A 117 -5.32 8.35 -3.82
N LYS A 118 -5.39 9.13 -4.89
CA LYS A 118 -4.53 8.93 -6.05
C LYS A 118 -3.75 10.21 -6.36
N VAL A 119 -2.45 10.05 -6.63
CA VAL A 119 -1.60 11.19 -6.95
C VAL A 119 -1.03 11.06 -8.36
N LYS A 120 -0.29 12.08 -8.79
CA LYS A 120 0.31 12.08 -10.11
C LYS A 120 1.37 11.00 -10.23
N GLY A 121 1.00 9.86 -10.81
CA GLY A 121 1.93 8.76 -10.97
C GLY A 121 1.89 7.80 -9.82
N GLY A 122 1.67 8.32 -8.61
CA GLY A 122 1.61 7.47 -7.43
C GLY A 122 0.20 7.14 -7.03
N PHE A 123 0.06 6.25 -6.04
CA PHE A 123 -1.26 5.85 -5.55
C PHE A 123 -1.23 5.60 -4.05
N THR A 124 -2.03 6.36 -3.32
CA THR A 124 -2.10 6.22 -1.87
C THR A 124 -3.10 5.14 -1.46
N VAL A 125 -2.81 4.45 -0.37
CA VAL A 125 -3.67 3.39 0.12
C VAL A 125 -3.81 3.45 1.64
N GLU A 126 -4.98 3.06 2.15
CA GLU A 126 -5.23 3.06 3.58
C GLU A 126 -5.13 1.65 4.15
N LEU A 127 -4.04 1.39 4.87
CA LEU A 127 -3.82 0.07 5.47
C LEU A 127 -4.05 0.13 6.99
N ASN A 128 -5.31 0.21 7.39
CA ASN A 128 -5.66 0.27 8.81
C ASN A 128 -4.98 1.46 9.49
N GLY A 129 -5.14 2.63 8.89
CA GLY A 129 -4.55 3.84 9.45
C GLY A 129 -3.26 4.22 8.75
N ILE A 130 -2.51 3.22 8.29
CA ILE A 130 -1.25 3.47 7.60
C ILE A 130 -1.49 3.93 6.17
N ARG A 131 -0.56 4.73 5.65
CA ARG A 131 -0.67 5.24 4.28
C ARG A 131 0.38 4.60 3.38
N ALA A 132 -0.09 3.86 2.37
CA ALA A 132 0.80 3.20 1.44
C ALA A 132 1.03 4.05 0.20
N PHE A 133 1.96 3.63 -0.65
CA PHE A 133 2.28 4.35 -1.88
C PHE A 133 2.68 3.39 -2.98
N LEU A 134 1.96 3.45 -4.09
CA LEU A 134 2.24 2.58 -5.24
C LEU A 134 2.78 3.39 -6.42
N PRO A 135 3.91 2.94 -6.97
CA PRO A 135 4.55 3.60 -8.11
C PRO A 135 3.75 3.46 -9.39
N GLY A 136 3.90 4.43 -10.29
CA GLY A 136 3.17 4.40 -11.55
C GLY A 136 3.57 3.22 -12.41
N SER A 137 4.72 2.63 -12.11
CA SER A 137 5.21 1.48 -12.87
C SER A 137 4.42 0.22 -12.54
N LEU A 138 3.86 0.20 -11.34
CA LEU A 138 3.07 -0.95 -10.89
C LEU A 138 1.66 -0.90 -11.46
N VAL A 139 1.18 0.31 -11.76
CA VAL A 139 -0.14 0.50 -12.31
C VAL A 139 -0.17 0.18 -13.81
N ASP A 140 0.59 0.97 -14.58
CA ASP A 140 0.67 0.77 -16.02
C ASP A 140 1.83 1.56 -16.61
N VAL A 141 2.24 1.18 -17.83
CA VAL A 141 3.34 1.85 -18.51
C VAL A 141 2.87 3.13 -19.18
N ARG A 142 3.77 4.11 -19.25
CA ARG A 142 3.45 5.39 -19.88
C ARG A 142 2.33 6.10 -19.13
N PRO A 143 2.22 7.42 -19.33
CA PRO A 143 1.19 8.23 -18.69
C PRO A 143 -0.22 7.94 -19.21
N VAL A 144 -1.20 8.02 -18.33
CA VAL A 144 -2.59 7.76 -18.72
C VAL A 144 -3.44 9.01 -18.56
N ARG A 145 -4.48 9.12 -19.39
CA ARG A 145 -5.37 10.27 -19.34
C ARG A 145 -6.15 10.30 -18.04
N ASP A 146 -7.15 9.43 -17.93
CA ASP A 146 -7.98 9.34 -16.73
C ASP A 146 -9.05 8.26 -16.88
N THR A 147 -9.26 7.50 -15.81
CA THR A 147 -10.25 6.43 -15.82
C THR A 147 -10.70 6.08 -14.40
N LEU A 148 -11.87 5.49 -14.29
CA LEU A 148 -12.43 5.11 -12.99
C LEU A 148 -11.94 3.73 -12.58
N HIS A 149 -11.31 3.02 -13.51
CA HIS A 149 -10.80 1.68 -13.25
C HIS A 149 -9.78 1.70 -12.12
N LEU A 150 -9.23 2.88 -11.83
CA LEU A 150 -8.25 3.04 -10.77
C LEU A 150 -8.83 3.79 -9.59
N GLU A 151 -10.11 3.55 -9.31
CA GLU A 151 -10.78 4.21 -8.20
C GLU A 151 -11.50 3.19 -7.32
N GLY A 152 -11.18 3.21 -6.03
CA GLY A 152 -11.79 2.29 -5.10
C GLY A 152 -11.39 0.84 -5.35
N LYS A 153 -10.25 0.66 -6.00
CA LYS A 153 -9.75 -0.67 -6.31
C LYS A 153 -9.47 -1.47 -5.04
N GLU A 154 -9.99 -2.68 -4.97
CA GLU A 154 -9.78 -3.53 -3.81
C GLU A 154 -8.75 -4.63 -4.11
N LEU A 155 -7.48 -4.32 -3.85
CA LEU A 155 -6.39 -5.26 -4.08
C LEU A 155 -5.38 -5.23 -2.94
N GLU A 156 -4.96 -6.41 -2.51
CA GLU A 156 -4.00 -6.52 -1.41
C GLU A 156 -2.57 -6.42 -1.94
N PHE A 157 -1.64 -6.06 -1.07
CA PHE A 157 -0.23 -5.93 -1.45
C PHE A 157 0.66 -6.76 -0.53
N LYS A 158 1.96 -6.70 -0.77
CA LYS A 158 2.92 -7.45 0.03
C LYS A 158 3.99 -6.52 0.60
N VAL A 159 3.93 -6.28 1.91
CA VAL A 159 4.90 -5.41 2.57
C VAL A 159 6.28 -6.06 2.61
N ILE A 160 7.29 -5.32 2.16
CA ILE A 160 8.66 -5.81 2.15
C ILE A 160 9.56 -4.97 3.04
N LYS A 161 9.22 -3.70 3.18
CA LYS A 161 9.99 -2.77 4.01
C LYS A 161 9.27 -1.44 4.17
N LEU A 162 9.73 -0.63 5.11
CA LEU A 162 9.13 0.68 5.36
C LEU A 162 10.13 1.62 6.03
N ASP A 163 9.80 2.90 6.04
CA ASP A 163 10.68 3.91 6.63
C ASP A 163 9.96 4.63 7.78
N GLN A 164 10.21 4.17 9.00
CA GLN A 164 9.60 4.77 10.17
C GLN A 164 10.28 6.08 10.54
N LYS A 165 11.53 6.22 10.12
CA LYS A 165 12.29 7.44 10.40
C LYS A 165 11.52 8.68 9.99
N ARG A 166 10.93 8.65 8.80
CA ARG A 166 10.16 9.77 8.30
C ARG A 166 8.66 9.48 8.38
N ASN A 167 8.30 8.49 9.18
CA ASN A 167 6.90 8.11 9.35
C ASN A 167 6.23 7.91 8.00
N ASN A 168 6.89 7.13 7.13
CA ASN A 168 6.34 6.85 5.80
C ASN A 168 6.19 5.35 5.58
N VAL A 169 5.25 4.99 4.71
CA VAL A 169 5.00 3.59 4.41
C VAL A 169 4.68 3.39 2.94
N VAL A 170 5.38 2.46 2.30
CA VAL A 170 5.16 2.17 0.88
C VAL A 170 5.10 0.67 0.63
N VAL A 171 4.74 0.29 -0.59
CA VAL A 171 4.63 -1.12 -0.96
C VAL A 171 5.57 -1.44 -2.13
N SER A 172 6.12 -2.66 -2.11
CA SER A 172 7.03 -3.09 -3.16
C SER A 172 6.27 -3.34 -4.47
N ARG A 173 7.00 -3.27 -5.59
CA ARG A 173 6.40 -3.49 -6.89
C ARG A 173 6.27 -4.98 -7.19
N ARG A 174 7.30 -5.75 -6.86
CA ARG A 174 7.30 -7.18 -7.09
C ARG A 174 6.15 -7.85 -6.35
N ALA A 175 5.63 -7.18 -5.33
CA ALA A 175 4.52 -7.70 -4.55
C ALA A 175 3.28 -7.91 -5.42
N VAL A 176 3.26 -7.27 -6.58
CA VAL A 176 2.15 -7.39 -7.50
C VAL A 176 1.78 -8.86 -7.75
N ILE A 177 2.79 -9.73 -7.68
CA ILE A 177 2.59 -11.15 -7.90
C ILE A 177 1.44 -11.68 -7.03
N GLU A 178 1.29 -11.09 -5.84
CA GLU A 178 0.24 -11.50 -4.92
C GLU A 178 -1.05 -10.74 -5.19
N SER A 179 -0.92 -9.54 -5.76
CA SER A 179 -2.08 -8.71 -6.07
C SER A 179 -2.57 -8.98 -7.48
N GLU A 180 -2.08 -10.05 -8.08
CA GLU A 180 -2.48 -10.43 -9.44
C GLU A 180 -4.00 -10.43 -9.58
N ASN A 181 -4.66 -11.16 -8.70
CA ASN A 181 -6.12 -11.26 -8.73
C ASN A 181 -6.70 -10.94 -7.36
N SER A 182 -6.31 -11.71 -6.36
CA SER A 182 -6.80 -11.52 -4.99
C SER A 182 -6.64 -10.06 -4.57
N GLU A 90 -10.32 10.69 11.88
CA GLU A 90 -8.97 10.15 11.93
C GLU A 90 -8.42 10.18 13.36
N LYS A 91 -7.56 9.22 13.67
CA LYS A 91 -6.95 9.14 15.00
C LYS A 91 -5.44 9.35 14.93
N ALA A 92 -4.97 10.42 15.57
CA ALA A 92 -3.54 10.72 15.56
C ALA A 92 -2.78 9.80 16.51
N LYS A 93 -3.46 9.35 17.56
CA LYS A 93 -2.84 8.45 18.54
C LYS A 93 -2.49 7.11 17.90
N ARG A 94 -3.24 6.74 16.87
CA ARG A 94 -3.00 5.48 16.17
C ARG A 94 -1.57 5.41 15.64
N HIS A 95 -0.98 6.57 15.38
CA HIS A 95 0.38 6.65 14.87
C HIS A 95 1.33 5.84 15.76
N GLU A 96 1.09 5.89 17.06
CA GLU A 96 1.93 5.16 18.01
C GLU A 96 1.51 3.70 18.11
N ALA A 97 0.23 3.44 17.88
CA ALA A 97 -0.30 2.09 17.93
C ALA A 97 0.17 1.27 16.74
N TRP A 98 0.50 1.96 15.65
CA TRP A 98 0.96 1.29 14.43
C TRP A 98 2.21 0.46 14.71
N ILE A 99 2.92 0.82 15.77
CA ILE A 99 4.14 0.09 16.14
C ILE A 99 3.89 -1.41 16.22
N THR A 100 2.66 -1.78 16.57
CA THR A 100 2.28 -3.18 16.68
C THR A 100 2.38 -3.89 15.33
N LEU A 101 1.73 -3.31 14.32
CA LEU A 101 1.74 -3.88 12.98
C LEU A 101 3.11 -3.73 12.33
N GLU A 102 3.89 -2.78 12.84
CA GLU A 102 5.23 -2.53 12.30
C GLU A 102 6.10 -3.77 12.43
N LYS A 103 6.17 -4.31 13.65
CA LYS A 103 6.98 -5.49 13.91
C LYS A 103 6.54 -6.66 13.03
N ALA A 104 5.27 -6.64 12.62
CA ALA A 104 4.74 -7.70 11.76
C ALA A 104 5.61 -7.89 10.54
N TYR A 105 5.95 -6.80 9.87
CA TYR A 105 6.78 -6.86 8.67
C TYR A 105 8.10 -7.57 8.95
N GLU A 106 8.60 -7.43 10.18
CA GLU A 106 9.85 -8.06 10.57
C GLU A 106 9.74 -9.58 10.47
N ASP A 107 8.53 -10.09 10.59
CA ASP A 107 8.29 -11.53 10.51
C ASP A 107 7.67 -11.90 9.16
N ALA A 108 7.84 -11.03 8.18
CA ALA A 108 7.30 -11.27 6.84
C ALA A 108 5.79 -11.46 6.89
N GLU A 109 5.07 -10.39 7.23
CA GLU A 109 3.62 -10.45 7.31
C GLU A 109 2.97 -9.77 6.10
N THR A 110 1.65 -9.83 6.03
CA THR A 110 0.92 -9.23 4.92
C THR A 110 -0.07 -8.18 5.42
N VAL A 111 -0.56 -7.36 4.51
CA VAL A 111 -1.52 -6.31 4.85
C VAL A 111 -2.67 -6.26 3.85
N THR A 112 -3.57 -5.32 4.05
CA THR A 112 -4.72 -5.16 3.16
C THR A 112 -5.24 -3.72 3.18
N GLY A 113 -5.29 -3.10 2.00
CA GLY A 113 -5.76 -1.74 1.91
C GLY A 113 -6.26 -1.40 0.51
N VAL A 114 -7.22 -0.47 0.44
CA VAL A 114 -7.78 -0.06 -0.84
C VAL A 114 -7.35 1.36 -1.20
N ILE A 115 -7.08 1.57 -2.48
CA ILE A 115 -6.65 2.89 -2.96
C ILE A 115 -7.77 3.90 -2.84
N ASN A 116 -7.70 4.74 -1.81
CA ASN A 116 -8.71 5.77 -1.58
C ASN A 116 -8.33 7.08 -2.27
N GLY A 117 -7.03 7.29 -2.44
CA GLY A 117 -6.56 8.49 -3.10
C GLY A 117 -5.49 8.22 -4.13
N LYS A 118 -5.53 8.97 -5.23
CA LYS A 118 -4.55 8.80 -6.30
C LYS A 118 -3.83 10.11 -6.59
N VAL A 119 -2.51 10.03 -6.78
CA VAL A 119 -1.70 11.21 -7.06
C VAL A 119 -1.02 11.09 -8.42
N LYS A 120 -0.32 12.14 -8.82
CA LYS A 120 0.38 12.16 -10.09
C LYS A 120 1.51 11.14 -10.11
N GLY A 121 1.23 9.97 -10.69
CA GLY A 121 2.24 8.93 -10.76
C GLY A 121 2.17 7.97 -9.59
N GLY A 122 1.83 8.50 -8.42
CA GLY A 122 1.73 7.67 -7.22
C GLY A 122 0.31 7.26 -6.92
N PHE A 123 0.15 6.39 -5.93
CA PHE A 123 -1.18 5.91 -5.54
C PHE A 123 -1.25 5.67 -4.03
N THR A 124 -2.14 6.40 -3.36
CA THR A 124 -2.31 6.26 -1.93
C THR A 124 -3.28 5.13 -1.59
N VAL A 125 -3.08 4.51 -0.43
CA VAL A 125 -3.94 3.42 0.02
C VAL A 125 -4.24 3.54 1.51
N GLU A 126 -5.53 3.41 1.85
CA GLU A 126 -5.95 3.50 3.25
C GLU A 126 -5.79 2.16 3.95
N LEU A 127 -4.70 2.01 4.69
CA LEU A 127 -4.42 0.77 5.42
C LEU A 127 -4.81 0.91 6.89
N ASN A 128 -6.11 0.81 7.16
CA ASN A 128 -6.62 0.92 8.53
C ASN A 128 -6.09 2.18 9.20
N GLY A 129 -6.29 3.32 8.54
CA GLY A 129 -5.83 4.58 9.10
C GLY A 129 -4.45 4.96 8.61
N ILE A 130 -3.68 3.97 8.15
CA ILE A 130 -2.34 4.20 7.66
C ILE A 130 -2.37 4.65 6.19
N ARG A 131 -1.45 5.55 5.85
CA ARG A 131 -1.36 6.05 4.48
C ARG A 131 -0.25 5.35 3.70
N ALA A 132 -0.64 4.51 2.75
CA ALA A 132 0.32 3.78 1.94
C ALA A 132 0.64 4.54 0.66
N PHE A 133 1.64 4.05 -0.08
CA PHE A 133 2.04 4.68 -1.33
C PHE A 133 2.52 3.64 -2.33
N LEU A 134 2.00 3.70 -3.55
CA LEU A 134 2.37 2.76 -4.60
C LEU A 134 2.95 3.49 -5.80
N PRO A 135 4.14 3.04 -6.25
CA PRO A 135 4.83 3.63 -7.41
C PRO A 135 4.11 3.36 -8.72
N GLY A 136 4.01 4.39 -9.56
CA GLY A 136 3.34 4.25 -10.84
C GLY A 136 4.14 3.41 -11.81
N SER A 137 5.42 3.24 -11.53
CA SER A 137 6.30 2.47 -12.40
C SER A 137 5.74 1.07 -12.63
N LEU A 138 4.95 0.59 -11.67
CA LEU A 138 4.37 -0.74 -11.76
C LEU A 138 2.84 -0.66 -11.71
N VAL A 139 2.31 0.49 -12.10
CA VAL A 139 0.86 0.70 -12.11
C VAL A 139 0.34 0.87 -13.53
N ASP A 140 0.98 1.73 -14.30
CA ASP A 140 0.57 1.97 -15.68
C ASP A 140 1.46 1.19 -16.65
N VAL A 141 0.86 0.22 -17.32
CA VAL A 141 1.58 -0.61 -18.28
C VAL A 141 0.66 -1.16 -19.36
N ARG A 142 0.77 -0.61 -20.57
CA ARG A 142 -0.07 -1.06 -21.68
C ARG A 142 -1.54 -1.03 -21.29
N PRO A 143 -2.09 0.19 -21.11
CA PRO A 143 -3.50 0.37 -20.74
C PRO A 143 -4.45 0.00 -21.87
N VAL A 144 -5.59 -0.58 -21.52
CA VAL A 144 -6.59 -0.98 -22.49
C VAL A 144 -7.99 -0.67 -22.01
N ARG A 145 -8.44 0.56 -22.24
CA ARG A 145 -9.78 0.98 -21.82
C ARG A 145 -10.12 0.41 -20.44
N ASP A 146 -9.15 0.43 -19.55
CA ASP A 146 -9.34 -0.08 -18.19
C ASP A 146 -8.71 0.84 -17.16
N THR A 147 -9.52 1.71 -16.57
CA THR A 147 -9.04 2.65 -15.57
C THR A 147 -9.73 2.42 -14.22
N LEU A 148 -10.81 1.65 -14.25
CA LEU A 148 -11.56 1.36 -13.03
C LEU A 148 -10.69 0.59 -12.03
N HIS A 149 -9.65 -0.06 -12.53
CA HIS A 149 -8.74 -0.83 -11.69
C HIS A 149 -7.55 0.03 -11.26
N LEU A 150 -7.70 1.34 -11.37
CA LEU A 150 -6.64 2.26 -10.98
C LEU A 150 -7.01 3.04 -9.73
N GLU A 151 -8.31 3.32 -9.58
CA GLU A 151 -8.80 4.07 -8.43
C GLU A 151 -9.95 3.32 -7.75
N GLY A 152 -9.85 3.14 -6.44
CA GLY A 152 -10.89 2.46 -5.70
C GLY A 152 -10.64 0.97 -5.62
N LYS A 153 -9.73 0.46 -6.44
CA LYS A 153 -9.40 -0.95 -6.46
C LYS A 153 -8.89 -1.41 -5.10
N GLU A 154 -9.45 -2.49 -4.59
CA GLU A 154 -9.05 -3.02 -3.29
C GLU A 154 -8.33 -4.36 -3.45
N LEU A 155 -7.05 -4.38 -3.12
CA LEU A 155 -6.25 -5.60 -3.23
C LEU A 155 -5.29 -5.74 -2.04
N GLU A 156 -4.74 -6.93 -1.87
CA GLU A 156 -3.81 -7.19 -0.78
C GLU A 156 -2.37 -7.10 -1.25
N PHE A 157 -1.54 -6.36 -0.53
CA PHE A 157 -0.14 -6.19 -0.88
C PHE A 157 0.74 -7.15 -0.08
N LYS A 158 2.04 -7.08 -0.31
CA LYS A 158 2.99 -7.95 0.38
C LYS A 158 4.22 -7.16 0.82
N VAL A 159 4.79 -7.54 1.97
CA VAL A 159 5.97 -6.88 2.50
C VAL A 159 7.11 -6.89 1.49
N ILE A 160 7.57 -5.71 1.10
CA ILE A 160 8.66 -5.59 0.14
C ILE A 160 9.74 -4.64 0.65
N LYS A 161 9.31 -3.56 1.29
CA LYS A 161 10.23 -2.57 1.83
C LYS A 161 9.50 -1.58 2.73
N LEU A 162 10.14 -1.22 3.84
CA LEU A 162 9.55 -0.28 4.79
C LEU A 162 10.64 0.44 5.58
N ASP A 163 10.59 1.77 5.55
CA ASP A 163 11.57 2.60 6.26
C ASP A 163 11.09 2.92 7.67
N GLN A 164 10.92 1.88 8.48
CA GLN A 164 10.47 2.05 9.86
C GLN A 164 11.37 3.02 10.62
N LYS A 165 12.62 3.12 10.19
CA LYS A 165 13.58 4.01 10.82
C LYS A 165 13.07 5.45 10.81
N ARG A 166 12.51 5.87 9.67
CA ARG A 166 11.99 7.23 9.53
C ARG A 166 10.47 7.23 9.63
N ASN A 167 9.92 6.22 10.30
CA ASN A 167 8.47 6.11 10.46
C ASN A 167 7.77 6.19 9.12
N ASN A 168 8.42 5.67 8.08
CA ASN A 168 7.85 5.69 6.74
C ASN A 168 7.43 4.29 6.31
N VAL A 169 6.47 4.22 5.40
CA VAL A 169 5.97 2.94 4.90
C VAL A 169 5.44 3.07 3.48
N VAL A 170 5.98 2.26 2.57
CA VAL A 170 5.55 2.29 1.18
C VAL A 170 5.34 0.88 0.63
N VAL A 171 4.40 0.73 -0.28
CA VAL A 171 4.12 -0.56 -0.88
C VAL A 171 4.32 -0.53 -2.39
N SER A 172 4.24 -1.70 -3.02
CA SER A 172 4.42 -1.81 -4.46
C SER A 172 3.21 -2.48 -5.12
N ARG A 173 2.84 -2.00 -6.30
CA ARG A 173 1.71 -2.55 -7.02
C ARG A 173 1.98 -3.99 -7.45
N ARG A 174 3.24 -4.27 -7.78
CA ARG A 174 3.64 -5.60 -8.21
C ARG A 174 3.39 -6.63 -7.11
N ALA A 175 3.29 -6.15 -5.87
CA ALA A 175 3.06 -7.02 -4.73
C ALA A 175 1.80 -7.85 -4.93
N VAL A 176 0.88 -7.35 -5.75
CA VAL A 176 -0.37 -8.05 -6.01
C VAL A 176 -0.11 -9.49 -6.44
N ILE A 177 0.95 -9.69 -7.22
CA ILE A 177 1.30 -11.03 -7.70
C ILE A 177 1.43 -12.00 -6.54
N GLU A 178 1.77 -11.48 -5.36
CA GLU A 178 1.93 -12.32 -4.17
C GLU A 178 0.57 -12.70 -3.60
N SER A 179 -0.18 -11.69 -3.15
CA SER A 179 -1.49 -11.92 -2.57
C SER A 179 -2.36 -12.76 -3.50
N GLU A 180 -2.42 -12.35 -4.77
CA GLU A 180 -3.22 -13.08 -5.76
C GLU A 180 -2.85 -14.55 -5.78
N ASN A 181 -1.58 -14.83 -6.05
CA ASN A 181 -1.10 -16.21 -6.11
C ASN A 181 -1.32 -16.93 -4.78
N SER A 182 -0.50 -16.58 -3.80
CA SER A 182 -0.61 -17.19 -2.47
C SER A 182 -2.04 -17.12 -1.95
N GLU A 90 -9.50 9.18 11.59
CA GLU A 90 -9.86 7.80 11.93
C GLU A 90 -8.64 6.99 12.34
N LYS A 91 -8.85 6.01 13.19
CA LYS A 91 -7.76 5.15 13.66
C LYS A 91 -6.68 5.97 14.36
N ALA A 92 -7.11 6.95 15.15
CA ALA A 92 -6.19 7.81 15.88
C ALA A 92 -5.43 7.03 16.95
N LYS A 93 -6.18 6.38 17.82
CA LYS A 93 -5.59 5.59 18.90
C LYS A 93 -4.77 4.44 18.34
N ARG A 94 -5.14 3.97 17.14
CA ARG A 94 -4.44 2.87 16.50
C ARG A 94 -3.02 3.28 16.12
N HIS A 95 -2.82 4.58 15.90
CA HIS A 95 -1.51 5.10 15.54
C HIS A 95 -0.44 4.63 16.51
N GLU A 96 -0.77 4.67 17.80
CA GLU A 96 0.16 4.24 18.84
C GLU A 96 0.19 2.72 18.96
N ALA A 97 -0.90 2.09 18.55
CA ALA A 97 -1.00 0.63 18.61
C ALA A 97 -0.24 -0.02 17.46
N TRP A 98 0.04 0.76 16.42
CA TRP A 98 0.77 0.26 15.26
C TRP A 98 2.14 -0.28 15.67
N ILE A 99 2.63 0.19 16.81
CA ILE A 99 3.93 -0.26 17.31
C ILE A 99 4.02 -1.77 17.35
N THR A 100 2.87 -2.42 17.55
CA THR A 100 2.82 -3.88 17.62
C THR A 100 2.96 -4.49 16.23
N LEU A 101 2.02 -4.18 15.35
CA LEU A 101 2.03 -4.70 13.99
C LEU A 101 3.32 -4.30 13.27
N GLU A 102 3.96 -3.23 13.75
CA GLU A 102 5.18 -2.75 13.14
C GLU A 102 6.21 -3.87 13.01
N LYS A 103 6.38 -4.65 14.07
CA LYS A 103 7.32 -5.76 14.07
C LYS A 103 6.91 -6.81 13.04
N ALA A 104 5.62 -6.91 12.78
CA ALA A 104 5.11 -7.87 11.82
C ALA A 104 5.72 -7.66 10.44
N TYR A 105 5.81 -6.39 10.03
CA TYR A 105 6.38 -6.06 8.73
C TYR A 105 7.80 -6.61 8.60
N GLU A 106 8.52 -6.63 9.71
CA GLU A 106 9.89 -7.13 9.72
C GLU A 106 9.95 -8.57 9.21
N ASP A 107 8.84 -9.29 9.36
CA ASP A 107 8.77 -10.67 8.91
C ASP A 107 8.17 -10.76 7.51
N ALA A 108 8.22 -9.66 6.77
CA ALA A 108 7.69 -9.60 5.42
C ALA A 108 6.20 -9.93 5.41
N GLU A 109 5.49 -9.49 6.44
CA GLU A 109 4.06 -9.74 6.54
C GLU A 109 3.31 -9.11 5.37
N THR A 110 2.16 -9.69 5.03
CA THR A 110 1.35 -9.18 3.93
C THR A 110 0.28 -8.21 4.43
N VAL A 111 -0.07 -7.23 3.60
CA VAL A 111 -1.07 -6.24 3.97
C VAL A 111 -2.21 -6.21 2.96
N THR A 112 -3.29 -5.52 3.30
CA THR A 112 -4.45 -5.42 2.41
C THR A 112 -5.12 -4.06 2.55
N GLY A 113 -5.15 -3.30 1.46
CA GLY A 113 -5.78 -1.98 1.49
C GLY A 113 -6.32 -1.57 0.13
N VAL A 114 -7.36 -0.76 0.14
CA VAL A 114 -7.97 -0.29 -1.10
C VAL A 114 -7.54 1.13 -1.42
N ILE A 115 -7.27 1.39 -2.70
CA ILE A 115 -6.84 2.71 -3.14
C ILE A 115 -7.90 3.76 -2.84
N ASN A 116 -7.56 4.72 -1.98
CA ASN A 116 -8.48 5.78 -1.61
C ASN A 116 -8.20 7.04 -2.42
N GLY A 117 -6.93 7.40 -2.54
CA GLY A 117 -6.56 8.58 -3.30
C GLY A 117 -5.55 8.28 -4.39
N LYS A 118 -5.57 9.11 -5.43
CA LYS A 118 -4.64 8.93 -6.56
C LYS A 118 -3.82 10.19 -6.79
N VAL A 119 -2.50 10.04 -6.79
CA VAL A 119 -1.60 11.17 -7.01
C VAL A 119 -1.02 11.15 -8.42
N LYS A 120 -0.24 12.16 -8.75
CA LYS A 120 0.39 12.26 -10.07
C LYS A 120 1.32 11.08 -10.31
N GLY A 121 0.81 10.05 -10.96
CA GLY A 121 1.61 8.87 -11.24
C GLY A 121 1.55 7.84 -10.14
N GLY A 122 1.48 8.30 -8.90
CA GLY A 122 1.40 7.39 -7.78
C GLY A 122 -0.02 7.09 -7.36
N PHE A 123 -0.17 6.16 -6.43
CA PHE A 123 -1.50 5.76 -5.94
C PHE A 123 -1.47 5.48 -4.45
N THR A 124 -2.24 6.25 -3.69
CA THR A 124 -2.30 6.09 -2.25
C THR A 124 -3.32 5.02 -1.86
N VAL A 125 -3.08 4.37 -0.73
CA VAL A 125 -3.97 3.31 -0.25
C VAL A 125 -4.16 3.40 1.26
N GLU A 126 -5.39 3.21 1.72
CA GLU A 126 -5.70 3.27 3.13
C GLU A 126 -5.60 1.89 3.77
N LEU A 127 -4.48 1.63 4.44
CA LEU A 127 -4.26 0.35 5.10
C LEU A 127 -4.76 0.37 6.54
N ASN A 128 -6.07 0.17 6.70
CA ASN A 128 -6.67 0.17 8.03
C ASN A 128 -6.11 1.29 8.90
N GLY A 129 -6.14 2.51 8.36
CA GLY A 129 -5.63 3.66 9.09
C GLY A 129 -4.27 4.11 8.59
N ILE A 130 -3.46 3.16 8.15
CA ILE A 130 -2.13 3.46 7.64
C ILE A 130 -2.20 4.04 6.24
N ARG A 131 -1.21 4.86 5.88
CA ARG A 131 -1.16 5.49 4.57
C ARG A 131 -0.10 4.82 3.69
N ALA A 132 -0.56 4.02 2.73
CA ALA A 132 0.34 3.31 1.83
C ALA A 132 0.58 4.13 0.55
N PHE A 133 1.67 3.83 -0.13
CA PHE A 133 2.01 4.53 -1.37
C PHE A 133 2.42 3.55 -2.46
N LEU A 134 1.77 3.63 -3.61
CA LEU A 134 2.06 2.76 -4.73
C LEU A 134 2.62 3.54 -5.91
N PRO A 135 3.73 3.05 -6.48
CA PRO A 135 4.38 3.69 -7.62
C PRO A 135 3.56 3.57 -8.90
N GLY A 136 3.91 4.38 -9.89
CA GLY A 136 3.20 4.35 -11.16
C GLY A 136 3.40 3.05 -11.91
N SER A 137 4.35 2.25 -11.44
CA SER A 137 4.65 0.97 -12.08
C SER A 137 3.42 0.06 -12.08
N LEU A 138 2.61 0.18 -11.03
CA LEU A 138 1.40 -0.63 -10.91
C LEU A 138 0.17 0.26 -10.74
N VAL A 139 0.11 1.32 -11.52
CA VAL A 139 -1.02 2.25 -11.47
C VAL A 139 -2.34 1.50 -11.59
N ASP A 140 -2.39 0.54 -12.49
CA ASP A 140 -3.60 -0.25 -12.71
C ASP A 140 -3.39 -1.30 -13.80
N VAL A 141 -3.54 -2.57 -13.44
CA VAL A 141 -3.36 -3.66 -14.38
C VAL A 141 -4.57 -3.78 -15.31
N ARG A 142 -4.30 -4.02 -16.59
CA ARG A 142 -5.36 -4.17 -17.58
C ARG A 142 -6.18 -2.88 -17.68
N PRO A 143 -5.60 -1.87 -18.34
CA PRO A 143 -6.26 -0.57 -18.53
C PRO A 143 -7.44 -0.65 -19.49
N VAL A 144 -8.54 -0.02 -19.11
CA VAL A 144 -9.75 -0.02 -19.94
C VAL A 144 -10.25 1.41 -20.17
N ARG A 145 -11.03 1.58 -21.23
CA ARG A 145 -11.57 2.89 -21.57
C ARG A 145 -12.27 3.52 -20.36
N ASP A 146 -12.82 2.68 -19.50
CA ASP A 146 -13.50 3.16 -18.30
C ASP A 146 -12.51 3.40 -17.17
N THR A 147 -12.59 4.58 -16.57
CA THR A 147 -11.71 4.94 -15.46
C THR A 147 -12.39 4.72 -14.11
N LEU A 148 -13.32 3.79 -14.07
CA LEU A 148 -14.04 3.49 -12.84
C LEU A 148 -13.29 2.45 -12.01
N HIS A 149 -12.42 1.69 -12.67
CA HIS A 149 -11.64 0.66 -11.98
C HIS A 149 -10.33 1.25 -11.45
N LEU A 150 -9.90 2.36 -12.03
CA LEU A 150 -8.66 3.02 -11.62
C LEU A 150 -8.65 3.25 -10.11
N GLU A 151 -9.65 3.97 -9.62
CA GLU A 151 -9.76 4.27 -8.20
C GLU A 151 -10.78 3.36 -7.52
N GLY A 152 -10.51 2.98 -6.28
CA GLY A 152 -11.42 2.12 -5.55
C GLY A 152 -11.04 0.66 -5.64
N LYS A 153 -10.12 0.35 -6.55
CA LYS A 153 -9.66 -1.03 -6.73
C LYS A 153 -9.15 -1.61 -5.41
N GLU A 154 -9.57 -2.83 -5.10
CA GLU A 154 -9.16 -3.49 -3.88
C GLU A 154 -8.23 -4.67 -4.19
N LEU A 155 -6.96 -4.53 -3.79
CA LEU A 155 -5.97 -5.57 -4.02
C LEU A 155 -5.06 -5.74 -2.81
N GLU A 156 -4.42 -6.91 -2.72
CA GLU A 156 -3.52 -7.19 -1.61
C GLU A 156 -2.08 -6.87 -1.98
N PHE A 157 -1.30 -6.44 -0.99
CA PHE A 157 0.11 -6.10 -1.22
C PHE A 157 1.02 -6.93 -0.31
N LYS A 158 2.33 -6.70 -0.43
CA LYS A 158 3.31 -7.42 0.37
C LYS A 158 4.35 -6.47 0.95
N VAL A 159 4.28 -6.22 2.25
CA VAL A 159 5.22 -5.32 2.91
C VAL A 159 6.65 -5.84 2.76
N ILE A 160 7.43 -5.17 1.91
CA ILE A 160 8.81 -5.55 1.68
C ILE A 160 9.75 -4.83 2.65
N LYS A 161 9.36 -3.63 3.05
CA LYS A 161 10.16 -2.84 3.99
C LYS A 161 9.44 -1.54 4.35
N LEU A 162 9.97 -0.83 5.35
CA LEU A 162 9.38 0.42 5.80
C LEU A 162 10.46 1.41 6.20
N ASP A 163 10.10 2.69 6.25
CA ASP A 163 11.04 3.74 6.62
C ASP A 163 10.68 4.34 7.98
N GLN A 164 11.41 3.92 9.01
CA GLN A 164 11.18 4.42 10.36
C GLN A 164 11.83 5.78 10.57
N LYS A 165 13.00 5.97 9.96
CA LYS A 165 13.72 7.23 10.07
C LYS A 165 12.99 8.35 9.34
N ARG A 166 12.56 8.06 8.11
CA ARG A 166 11.85 9.04 7.31
C ARG A 166 10.43 9.25 7.83
N ASN A 167 9.97 8.33 8.67
CA ASN A 167 8.63 8.40 9.23
C ASN A 167 7.57 8.31 8.14
N ASN A 168 7.80 7.41 7.18
CA ASN A 168 6.86 7.23 6.08
C ASN A 168 6.71 5.74 5.75
N VAL A 169 5.46 5.29 5.68
CA VAL A 169 5.17 3.89 5.38
C VAL A 169 4.78 3.72 3.92
N VAL A 170 5.41 2.75 3.25
CA VAL A 170 5.13 2.48 1.84
C VAL A 170 4.98 0.99 1.60
N VAL A 171 4.55 0.64 0.39
CA VAL A 171 4.37 -0.76 0.02
C VAL A 171 5.24 -1.12 -1.18
N SER A 172 5.59 -2.40 -1.27
CA SER A 172 6.42 -2.88 -2.37
C SER A 172 5.65 -2.88 -3.69
N ARG A 173 6.39 -2.90 -4.80
CA ARG A 173 5.77 -2.90 -6.12
C ARG A 173 6.18 -4.13 -6.92
N ARG A 174 7.42 -4.57 -6.70
CA ARG A 174 7.94 -5.74 -7.41
C ARG A 174 7.47 -7.03 -6.74
N ALA A 175 7.35 -7.00 -5.42
CA ALA A 175 6.91 -8.16 -4.66
C ALA A 175 5.39 -8.27 -4.65
N VAL A 176 4.73 -7.12 -4.78
CA VAL A 176 3.26 -7.09 -4.79
C VAL A 176 2.70 -7.98 -5.89
N ILE A 177 3.53 -8.27 -6.89
CA ILE A 177 3.10 -9.11 -8.01
C ILE A 177 2.52 -10.43 -7.51
N GLU A 178 2.96 -10.87 -6.34
CA GLU A 178 2.48 -12.12 -5.76
C GLU A 178 1.23 -11.88 -4.92
N SER A 179 1.13 -10.70 -4.33
CA SER A 179 -0.02 -10.34 -3.49
C SER A 179 -1.21 -9.98 -4.36
N GLU A 180 -0.94 -9.54 -5.59
CA GLU A 180 -2.00 -9.16 -6.52
C GLU A 180 -2.91 -10.34 -6.81
N ASN A 181 -2.34 -11.54 -6.83
CA ASN A 181 -3.11 -12.75 -7.10
C ASN A 181 -2.94 -13.76 -5.98
N SER A 182 -3.12 -13.30 -4.75
CA SER A 182 -2.99 -14.16 -3.57
C SER A 182 -3.83 -15.42 -3.74
N GLU A 90 -11.19 6.28 14.69
CA GLU A 90 -10.14 7.30 14.67
C GLU A 90 -8.78 6.66 14.41
N LYS A 91 -8.08 7.17 13.40
CA LYS A 91 -6.76 6.66 13.05
C LYS A 91 -5.68 7.26 13.95
N ALA A 92 -5.94 8.45 14.45
CA ALA A 92 -4.99 9.13 15.33
C ALA A 92 -4.66 8.27 16.55
N LYS A 93 -5.69 7.80 17.23
CA LYS A 93 -5.51 6.97 18.41
C LYS A 93 -4.66 5.75 18.09
N ARG A 94 -4.67 5.34 16.82
CA ARG A 94 -3.90 4.18 16.39
C ARG A 94 -2.44 4.56 16.15
N HIS A 95 -2.21 5.83 15.84
CA HIS A 95 -0.86 6.33 15.58
C HIS A 95 0.08 5.95 16.73
N GLU A 96 -0.47 5.85 17.94
CA GLU A 96 0.31 5.51 19.11
C GLU A 96 0.57 4.00 19.17
N ALA A 97 -0.42 3.23 18.72
CA ALA A 97 -0.30 1.77 18.72
C ALA A 97 0.69 1.30 17.67
N TRP A 98 1.03 2.19 16.73
CA TRP A 98 1.97 1.86 15.67
C TRP A 98 3.30 1.41 16.24
N ILE A 99 3.58 1.81 17.48
CA ILE A 99 4.83 1.44 18.13
C ILE A 99 5.05 -0.06 18.08
N THR A 100 3.97 -0.83 18.11
CA THR A 100 4.05 -2.27 18.08
C THR A 100 4.10 -2.79 16.63
N LEU A 101 3.60 -1.98 15.71
CA LEU A 101 3.58 -2.34 14.30
C LEU A 101 5.00 -2.37 13.74
N GLU A 102 5.87 -1.57 14.31
CA GLU A 102 7.26 -1.51 13.86
C GLU A 102 7.94 -2.87 14.01
N LYS A 103 7.78 -3.48 15.18
CA LYS A 103 8.37 -4.79 15.44
C LYS A 103 7.72 -5.87 14.58
N ALA A 104 6.49 -5.62 14.16
CA ALA A 104 5.75 -6.56 13.33
C ALA A 104 6.46 -6.77 11.99
N TYR A 105 7.02 -5.70 11.46
CA TYR A 105 7.71 -5.75 10.18
C TYR A 105 8.76 -6.85 10.17
N GLU A 106 9.31 -7.15 11.35
CA GLU A 106 10.33 -8.19 11.49
C GLU A 106 9.81 -9.52 10.95
N ASP A 107 8.50 -9.69 10.95
CA ASP A 107 7.88 -10.92 10.47
C ASP A 107 7.49 -10.78 9.00
N ALA A 108 7.32 -9.55 8.55
CA ALA A 108 6.95 -9.28 7.16
C ALA A 108 5.58 -9.89 6.84
N GLU A 109 4.63 -9.70 7.75
CA GLU A 109 3.28 -10.23 7.57
C GLU A 109 2.57 -9.53 6.41
N THR A 110 1.48 -10.12 5.94
CA THR A 110 0.72 -9.56 4.83
C THR A 110 -0.42 -8.68 5.34
N VAL A 111 -1.03 -7.93 4.44
CA VAL A 111 -2.14 -7.05 4.79
C VAL A 111 -3.06 -6.82 3.59
N THR A 112 -4.09 -6.01 3.80
CA THR A 112 -5.05 -5.70 2.74
C THR A 112 -5.49 -4.24 2.79
N GLY A 113 -5.16 -3.50 1.74
CA GLY A 113 -5.53 -2.10 1.69
C GLY A 113 -6.12 -1.70 0.34
N VAL A 114 -6.98 -0.69 0.36
CA VAL A 114 -7.62 -0.22 -0.87
C VAL A 114 -7.20 1.21 -1.19
N ILE A 115 -6.86 1.45 -2.46
CA ILE A 115 -6.44 2.77 -2.90
C ILE A 115 -7.47 3.83 -2.54
N ASN A 116 -7.08 4.75 -1.68
CA ASN A 116 -7.99 5.83 -1.26
C ASN A 116 -7.68 7.11 -2.00
N GLY A 117 -6.39 7.41 -2.17
CA GLY A 117 -5.99 8.62 -2.87
C GLY A 117 -5.14 8.32 -4.09
N LYS A 118 -5.28 9.14 -5.12
CA LYS A 118 -4.52 8.97 -6.35
C LYS A 118 -3.75 10.23 -6.70
N VAL A 119 -2.45 10.09 -6.94
CA VAL A 119 -1.61 11.22 -7.29
C VAL A 119 -0.97 11.03 -8.66
N LYS A 120 -0.23 12.04 -9.11
CA LYS A 120 0.44 11.99 -10.41
C LYS A 120 1.56 10.95 -10.40
N GLY A 121 1.27 9.77 -10.93
CA GLY A 121 2.26 8.72 -10.99
C GLY A 121 2.20 7.80 -9.77
N GLY A 122 1.88 8.37 -8.61
CA GLY A 122 1.80 7.59 -7.39
C GLY A 122 0.38 7.21 -7.06
N PHE A 123 0.22 6.38 -6.03
CA PHE A 123 -1.11 5.93 -5.60
C PHE A 123 -1.11 5.59 -4.11
N THR A 124 -1.94 6.30 -3.36
CA THR A 124 -2.04 6.07 -1.92
C THR A 124 -3.03 4.97 -1.60
N VAL A 125 -2.80 4.27 -0.49
CA VAL A 125 -3.69 3.19 -0.07
C VAL A 125 -3.89 3.19 1.44
N GLU A 126 -5.12 2.93 1.86
CA GLU A 126 -5.43 2.90 3.29
C GLU A 126 -5.36 1.48 3.84
N LEU A 127 -4.33 1.20 4.61
CA LEU A 127 -4.14 -0.12 5.19
C LEU A 127 -4.53 -0.12 6.67
N ASN A 128 -5.84 -0.06 6.93
CA ASN A 128 -6.34 -0.06 8.30
C ASN A 128 -5.69 1.05 9.12
N GLY A 129 -5.71 2.27 8.58
CA GLY A 129 -5.12 3.39 9.27
C GLY A 129 -3.78 3.80 8.69
N ILE A 130 -3.03 2.82 8.20
CA ILE A 130 -1.73 3.09 7.61
C ILE A 130 -1.86 3.59 6.18
N ARG A 131 -0.84 4.32 5.71
CA ARG A 131 -0.85 4.86 4.36
C ARG A 131 0.25 4.22 3.51
N ALA A 132 -0.14 3.60 2.41
CA ALA A 132 0.81 2.95 1.51
C ALA A 132 1.08 3.81 0.28
N PHE A 133 2.09 3.44 -0.48
CA PHE A 133 2.45 4.18 -1.69
C PHE A 133 3.03 3.24 -2.75
N LEU A 134 2.43 3.25 -3.93
CA LEU A 134 2.88 2.40 -5.04
C LEU A 134 3.23 3.25 -6.25
N PRO A 135 4.42 2.99 -6.83
CA PRO A 135 4.89 3.71 -8.01
C PRO A 135 4.12 3.35 -9.26
N GLY A 136 3.94 4.32 -10.16
CA GLY A 136 3.21 4.07 -11.39
C GLY A 136 3.94 3.13 -12.32
N SER A 137 5.21 2.85 -12.01
CA SER A 137 6.02 1.96 -12.83
C SER A 137 5.30 0.64 -13.08
N LEU A 138 4.48 0.24 -12.12
CA LEU A 138 3.73 -1.01 -12.23
C LEU A 138 2.23 -0.73 -12.27
N VAL A 139 1.85 0.43 -12.79
CA VAL A 139 0.46 0.81 -12.89
C VAL A 139 0.05 1.06 -14.34
N ASP A 140 0.99 1.56 -15.12
CA ASP A 140 0.74 1.84 -16.53
C ASP A 140 1.45 0.84 -17.43
N VAL A 141 0.67 0.05 -18.17
CA VAL A 141 1.24 -0.95 -19.06
C VAL A 141 0.65 -0.83 -20.46
N ARG A 142 1.27 -1.50 -21.43
CA ARG A 142 0.80 -1.48 -22.81
C ARG A 142 -0.68 -1.79 -22.89
N PRO A 143 -1.07 -2.99 -22.43
CA PRO A 143 -2.46 -3.43 -22.44
C PRO A 143 -3.32 -2.67 -21.44
N VAL A 144 -4.49 -2.23 -21.88
CA VAL A 144 -5.40 -1.49 -21.02
C VAL A 144 -6.81 -2.09 -21.07
N ARG A 145 -7.52 -1.98 -19.95
CA ARG A 145 -8.88 -2.51 -19.86
C ARG A 145 -9.86 -1.43 -19.44
N ASP A 146 -9.65 -0.87 -18.25
CA ASP A 146 -10.51 0.17 -17.72
C ASP A 146 -9.74 1.08 -16.76
N THR A 147 -10.30 2.26 -16.48
CA THR A 147 -9.67 3.21 -15.59
C THR A 147 -10.41 3.27 -14.25
N LEU A 148 -11.19 2.23 -13.96
CA LEU A 148 -11.94 2.17 -12.72
C LEU A 148 -11.11 1.56 -11.60
N HIS A 149 -10.11 0.76 -11.98
CA HIS A 149 -9.24 0.12 -11.00
C HIS A 149 -8.14 1.07 -10.56
N LEU A 150 -8.04 2.21 -11.23
CA LEU A 150 -7.02 3.20 -10.90
C LEU A 150 -7.15 3.67 -9.46
N GLU A 151 -8.37 4.03 -9.07
CA GLU A 151 -8.64 4.49 -7.72
C GLU A 151 -9.84 3.76 -7.11
N GLY A 152 -9.71 3.37 -5.84
CA GLY A 152 -10.78 2.66 -5.18
C GLY A 152 -10.64 1.15 -5.29
N LYS A 153 -9.82 0.71 -6.24
CA LYS A 153 -9.60 -0.71 -6.45
C LYS A 153 -9.25 -1.42 -5.14
N GLU A 154 -9.98 -2.48 -4.83
CA GLU A 154 -9.74 -3.24 -3.60
C GLU A 154 -8.72 -4.35 -3.85
N LEU A 155 -7.54 -4.20 -3.26
CA LEU A 155 -6.49 -5.19 -3.40
C LEU A 155 -5.76 -5.41 -2.09
N GLU A 156 -4.70 -6.23 -2.12
CA GLU A 156 -3.93 -6.52 -0.92
C GLU A 156 -2.44 -6.43 -1.21
N PHE A 157 -1.70 -5.79 -0.30
CA PHE A 157 -0.27 -5.62 -0.44
C PHE A 157 0.49 -6.28 0.70
N LYS A 158 1.80 -6.17 0.67
CA LYS A 158 2.65 -6.77 1.71
C LYS A 158 3.62 -5.74 2.27
N VAL A 159 4.15 -6.02 3.45
CA VAL A 159 5.10 -5.12 4.11
C VAL A 159 6.52 -5.36 3.60
N ILE A 160 6.84 -4.78 2.44
CA ILE A 160 8.17 -4.94 1.86
C ILE A 160 9.18 -4.04 2.55
N LYS A 161 8.76 -2.81 2.88
CA LYS A 161 9.64 -1.86 3.55
C LYS A 161 8.84 -0.66 4.05
N LEU A 162 9.37 0.00 5.08
CA LEU A 162 8.70 1.17 5.66
C LEU A 162 9.73 2.24 6.03
N ASP A 163 9.67 3.36 5.32
CA ASP A 163 10.59 4.46 5.57
C ASP A 163 10.31 5.10 6.93
N GLN A 164 10.99 4.62 7.97
CA GLN A 164 10.81 5.13 9.31
C GLN A 164 11.17 6.62 9.37
N LYS A 165 11.95 7.07 8.39
CA LYS A 165 12.36 8.47 8.34
C LYS A 165 11.15 9.40 8.47
N ARG A 166 10.04 9.01 7.86
CA ARG A 166 8.82 9.80 7.90
C ARG A 166 7.66 9.00 8.47
N ASN A 167 7.99 7.92 9.19
CA ASN A 167 6.98 7.07 9.79
C ASN A 167 5.95 6.63 8.75
N ASN A 168 6.38 6.53 7.50
CA ASN A 168 5.50 6.12 6.42
C ASN A 168 5.90 4.76 5.87
N VAL A 169 4.96 4.08 5.23
CA VAL A 169 5.21 2.76 4.65
C VAL A 169 4.84 2.73 3.18
N VAL A 170 5.61 1.99 2.40
CA VAL A 170 5.38 1.87 0.96
C VAL A 170 5.31 0.41 0.53
N VAL A 171 4.88 0.17 -0.70
CA VAL A 171 4.77 -1.18 -1.23
C VAL A 171 5.64 -1.36 -2.47
N SER A 172 5.92 -2.62 -2.82
CA SER A 172 6.74 -2.92 -3.97
C SER A 172 5.88 -3.38 -5.15
N ARG A 173 6.45 -3.31 -6.35
CA ARG A 173 5.74 -3.73 -7.56
C ARG A 173 5.76 -5.25 -7.71
N ARG A 174 6.95 -5.81 -7.76
CA ARG A 174 7.12 -7.25 -7.92
C ARG A 174 6.40 -8.00 -6.80
N ALA A 175 6.24 -7.33 -5.65
CA ALA A 175 5.57 -7.92 -4.51
C ALA A 175 4.09 -8.17 -4.81
N VAL A 176 3.60 -7.57 -5.88
CA VAL A 176 2.20 -7.73 -6.28
C VAL A 176 1.82 -9.20 -6.36
N ILE A 177 2.79 -10.04 -6.67
CA ILE A 177 2.54 -11.48 -6.77
C ILE A 177 1.85 -12.01 -5.52
N GLU A 178 2.13 -11.38 -4.38
CA GLU A 178 1.52 -11.79 -3.12
C GLU A 178 0.03 -11.47 -3.10
N SER A 179 -0.34 -10.32 -3.67
CA SER A 179 -1.74 -9.90 -3.71
C SER A 179 -2.62 -11.01 -4.28
N GLU A 180 -2.32 -11.42 -5.50
CA GLU A 180 -3.09 -12.48 -6.16
C GLU A 180 -2.78 -13.84 -5.54
N ASN A 181 -1.52 -14.26 -5.63
CA ASN A 181 -1.11 -15.55 -5.08
C ASN A 181 -1.92 -16.69 -5.68
N SER A 182 -2.05 -16.68 -7.00
CA SER A 182 -2.81 -17.72 -7.70
C SER A 182 -2.34 -19.11 -7.27
#